data_3TWE
# 
_entry.id   3TWE 
# 
_audit_conform.dict_name       mmcif_pdbx.dic 
_audit_conform.dict_version    5.387 
_audit_conform.dict_location   http://mmcif.pdb.org/dictionaries/ascii/mmcif_pdbx.dic 
# 
loop_
_database_2.database_id 
_database_2.database_code 
_database_2.pdbx_database_accession 
_database_2.pdbx_DOI 
PDB   3TWE         pdb_00003twe 10.2210/pdb3twe/pdb 
RCSB  RCSB068003   ?            ?                   
WWPDB D_1000068003 ?            ?                   
# 
loop_
_pdbx_audit_revision_history.ordinal 
_pdbx_audit_revision_history.data_content_type 
_pdbx_audit_revision_history.major_revision 
_pdbx_audit_revision_history.minor_revision 
_pdbx_audit_revision_history.revision_date 
1 'Structure model' 1 0 2012-03-14 
2 'Structure model' 1 1 2012-04-04 
3 'Structure model' 1 2 2012-04-18 
4 'Structure model' 1 3 2017-11-08 
5 'Structure model' 1 4 2024-02-28 
# 
_pdbx_audit_revision_details.ordinal             1 
_pdbx_audit_revision_details.revision_ordinal    1 
_pdbx_audit_revision_details.data_content_type   'Structure model' 
_pdbx_audit_revision_details.provider            repository 
_pdbx_audit_revision_details.type                'Initial release' 
_pdbx_audit_revision_details.description         ? 
_pdbx_audit_revision_details.details             ? 
# 
loop_
_pdbx_audit_revision_group.ordinal 
_pdbx_audit_revision_group.revision_ordinal 
_pdbx_audit_revision_group.data_content_type 
_pdbx_audit_revision_group.group 
1 2 'Structure model' 'Database references'    
2 3 'Structure model' 'Database references'    
3 4 'Structure model' 'Refinement description' 
4 5 'Structure model' 'Data collection'        
5 5 'Structure model' 'Database references'    
6 5 'Structure model' 'Derived calculations'   
# 
loop_
_pdbx_audit_revision_category.ordinal 
_pdbx_audit_revision_category.revision_ordinal 
_pdbx_audit_revision_category.data_content_type 
_pdbx_audit_revision_category.category 
1 4 'Structure model' software       
2 5 'Structure model' chem_comp_atom 
3 5 'Structure model' chem_comp_bond 
4 5 'Structure model' database_2     
5 5 'Structure model' struct_site    
# 
loop_
_pdbx_audit_revision_item.ordinal 
_pdbx_audit_revision_item.revision_ordinal 
_pdbx_audit_revision_item.data_content_type 
_pdbx_audit_revision_item.item 
1 5 'Structure model' '_database_2.pdbx_DOI'                
2 5 'Structure model' '_database_2.pdbx_database_accession' 
3 5 'Structure model' '_struct_site.pdbx_auth_asym_id'      
4 5 'Structure model' '_struct_site.pdbx_auth_comp_id'      
5 5 'Structure model' '_struct_site.pdbx_auth_seq_id'       
# 
_pdbx_database_status.entry_id                        3TWE 
_pdbx_database_status.status_code                     REL 
_pdbx_database_status.deposit_site                    RCSB 
_pdbx_database_status.process_site                    RCSB 
_pdbx_database_status.recvd_initial_deposition_date   2011-09-21 
_pdbx_database_status.status_code_sf                  REL 
_pdbx_database_status.status_code_mr                  ? 
_pdbx_database_status.SG_entry                        ? 
_pdbx_database_status.status_code_cs                  ? 
_pdbx_database_status.methods_development_category    ? 
_pdbx_database_status.pdb_format_compatible           Y 
_pdbx_database_status.status_code_nmr_data            ? 
# 
loop_
_pdbx_database_related.db_name 
_pdbx_database_related.db_id 
_pdbx_database_related.details 
_pdbx_database_related.content_type 
PDB 3TWF . unspecified 
PDB 3TWG . unspecified 
# 
loop_
_audit_author.name 
_audit_author.pdbx_ordinal 
'Buer, B.C.'    1 
'Meagher, J.L.' 2 
'Stuckey, J.A.' 3 
'Marsh, E.N.G.' 4 
# 
_citation.id                        primary 
_citation.title                     'Structural basis for the enhanced stability of highly fluorinated proteins.' 
_citation.journal_abbrev            Proc.Natl.Acad.Sci.USA 
_citation.journal_volume            109 
_citation.page_first                4810 
_citation.page_last                 4815 
_citation.year                      2012 
_citation.journal_id_ASTM           PNASA6 
_citation.country                   US 
_citation.journal_id_ISSN           0027-8424 
_citation.journal_id_CSD            0040 
_citation.book_publisher            ? 
_citation.pdbx_database_id_PubMed   22411812 
_citation.pdbx_database_id_DOI      10.1073/pnas.1120112109 
# 
loop_
_citation_author.citation_id 
_citation_author.name 
_citation_author.ordinal 
_citation_author.identifier_ORCID 
primary 'Buer, B.C.'    1 ? 
primary 'Meagher, J.L.' 2 ? 
primary 'Stuckey, J.A.' 3 ? 
primary 'Marsh, E.N.'   4 ? 
# 
loop_
_entity.id 
_entity.type 
_entity.src_method 
_entity.pdbx_description 
_entity.formula_weight 
_entity.pdbx_number_of_molecules 
_entity.pdbx_ec 
_entity.pdbx_mutation 
_entity.pdbx_fragment 
_entity.details 
1 polymer     syn alpha4H              3266.752 2  ? ? ? ? 
2 non-polymer syn 'ACETYL GROUP'       44.053   1  ? ? ? ? 
3 non-polymer syn 'TRIETHYLENE GLYCOL' 150.173  1  ? ? ? ? 
4 water       nat water                18.015   40 ? ? ? ? 
# 
_entity_poly.entity_id                      1 
_entity_poly.type                           'polypeptide(L)' 
_entity_poly.nstd_linkage                   no 
_entity_poly.nstd_monomer                   no 
_entity_poly.pdbx_seq_one_letter_code       GNADELYKELEDLQERLRKLRKKLRSG 
_entity_poly.pdbx_seq_one_letter_code_can   GNADELYKELEDLQERLRKLRKKLRSG 
_entity_poly.pdbx_strand_id                 A,B 
_entity_poly.pdbx_target_identifier         ? 
# 
loop_
_pdbx_entity_nonpoly.entity_id 
_pdbx_entity_nonpoly.name 
_pdbx_entity_nonpoly.comp_id 
2 'ACETYL GROUP'       ACE 
3 'TRIETHYLENE GLYCOL' PGE 
4 water                HOH 
# 
loop_
_entity_poly_seq.entity_id 
_entity_poly_seq.num 
_entity_poly_seq.mon_id 
_entity_poly_seq.hetero 
1 1  GLY n 
1 2  ASN n 
1 3  ALA n 
1 4  ASP n 
1 5  GLU n 
1 6  LEU n 
1 7  TYR n 
1 8  LYS n 
1 9  GLU n 
1 10 LEU n 
1 11 GLU n 
1 12 ASP n 
1 13 LEU n 
1 14 GLN n 
1 15 GLU n 
1 16 ARG n 
1 17 LEU n 
1 18 ARG n 
1 19 LYS n 
1 20 LEU n 
1 21 ARG n 
1 22 LYS n 
1 23 LYS n 
1 24 LEU n 
1 25 ARG n 
1 26 SER n 
1 27 GLY n 
# 
_pdbx_entity_src_syn.entity_id              1 
_pdbx_entity_src_syn.pdbx_src_id            1 
_pdbx_entity_src_syn.pdbx_alt_source_flag   sample 
_pdbx_entity_src_syn.pdbx_beg_seq_num       ? 
_pdbx_entity_src_syn.pdbx_end_seq_num       ? 
_pdbx_entity_src_syn.organism_scientific    ? 
_pdbx_entity_src_syn.organism_common_name   ? 
_pdbx_entity_src_syn.ncbi_taxonomy_id       ? 
_pdbx_entity_src_syn.details                synthesized 
# 
loop_
_chem_comp.id 
_chem_comp.type 
_chem_comp.mon_nstd_flag 
_chem_comp.name 
_chem_comp.pdbx_synonyms 
_chem_comp.formula 
_chem_comp.formula_weight 
ACE non-polymer         . 'ACETYL GROUP'       ? 'C2 H4 O'        44.053  
ALA 'L-peptide linking' y ALANINE              ? 'C3 H7 N O2'     89.093  
ARG 'L-peptide linking' y ARGININE             ? 'C6 H15 N4 O2 1' 175.209 
ASN 'L-peptide linking' y ASPARAGINE           ? 'C4 H8 N2 O3'    132.118 
ASP 'L-peptide linking' y 'ASPARTIC ACID'      ? 'C4 H7 N O4'     133.103 
GLN 'L-peptide linking' y GLUTAMINE            ? 'C5 H10 N2 O3'   146.144 
GLU 'L-peptide linking' y 'GLUTAMIC ACID'      ? 'C5 H9 N O4'     147.129 
GLY 'peptide linking'   y GLYCINE              ? 'C2 H5 N O2'     75.067  
HOH non-polymer         . WATER                ? 'H2 O'           18.015  
LEU 'L-peptide linking' y LEUCINE              ? 'C6 H13 N O2'    131.173 
LYS 'L-peptide linking' y LYSINE               ? 'C6 H15 N2 O2 1' 147.195 
PGE non-polymer         . 'TRIETHYLENE GLYCOL' ? 'C6 H14 O4'      150.173 
SER 'L-peptide linking' y SERINE               ? 'C3 H7 N O3'     105.093 
TYR 'L-peptide linking' y TYROSINE             ? 'C9 H11 N O3'    181.189 
# 
loop_
_pdbx_poly_seq_scheme.asym_id 
_pdbx_poly_seq_scheme.entity_id 
_pdbx_poly_seq_scheme.seq_id 
_pdbx_poly_seq_scheme.mon_id 
_pdbx_poly_seq_scheme.ndb_seq_num 
_pdbx_poly_seq_scheme.pdb_seq_num 
_pdbx_poly_seq_scheme.auth_seq_num 
_pdbx_poly_seq_scheme.pdb_mon_id 
_pdbx_poly_seq_scheme.auth_mon_id 
_pdbx_poly_seq_scheme.pdb_strand_id 
_pdbx_poly_seq_scheme.pdb_ins_code 
_pdbx_poly_seq_scheme.hetero 
A 1 1  GLY 1  1  1  GLY GLY A . n 
A 1 2  ASN 2  2  2  ASN ASN A . n 
A 1 3  ALA 3  3  3  ALA ALA A . n 
A 1 4  ASP 4  4  4  ASP ASP A . n 
A 1 5  GLU 5  5  5  GLU GLU A . n 
A 1 6  LEU 6  6  6  LEU LEU A . n 
A 1 7  TYR 7  7  7  TYR TYR A . n 
A 1 8  LYS 8  8  8  LYS LYS A . n 
A 1 9  GLU 9  9  9  GLU GLU A . n 
A 1 10 LEU 10 10 10 LEU LEU A . n 
A 1 11 GLU 11 11 11 GLU GLU A . n 
A 1 12 ASP 12 12 12 ASP ASP A . n 
A 1 13 LEU 13 13 13 LEU LEU A . n 
A 1 14 GLN 14 14 14 GLN GLN A . n 
A 1 15 GLU 15 15 15 GLU GLU A . n 
A 1 16 ARG 16 16 16 ARG ARG A . n 
A 1 17 LEU 17 17 17 LEU LEU A . n 
A 1 18 ARG 18 18 18 ARG ARG A . n 
A 1 19 LYS 19 19 19 LYS LYS A . n 
A 1 20 LEU 20 20 20 LEU LEU A . n 
A 1 21 ARG 21 21 21 ARG ARG A . n 
A 1 22 LYS 22 22 22 LYS LYS A . n 
A 1 23 LYS 23 23 23 LYS LYS A . n 
A 1 24 LEU 24 24 24 LEU LEU A . n 
A 1 25 ARG 25 25 25 ARG ARG A . n 
A 1 26 SER 26 26 26 SER SER A . n 
A 1 27 GLY 27 27 ?  ?   ?   A . n 
B 1 1  GLY 1  1  ?  ?   ?   B . n 
B 1 2  ASN 2  2  2  ASN ASN B . n 
B 1 3  ALA 3  3  3  ALA ALA B . n 
B 1 4  ASP 4  4  4  ASP ASP B . n 
B 1 5  GLU 5  5  5  GLU GLU B . n 
B 1 6  LEU 6  6  6  LEU LEU B . n 
B 1 7  TYR 7  7  7  TYR TYR B . n 
B 1 8  LYS 8  8  8  LYS LYS B . n 
B 1 9  GLU 9  9  9  GLU GLU B . n 
B 1 10 LEU 10 10 10 LEU LEU B . n 
B 1 11 GLU 11 11 11 GLU GLU B . n 
B 1 12 ASP 12 12 12 ASP ASP B . n 
B 1 13 LEU 13 13 13 LEU LEU B . n 
B 1 14 GLN 14 14 14 GLN GLN B . n 
B 1 15 GLU 15 15 15 GLU GLU B . n 
B 1 16 ARG 16 16 16 ARG ARG B . n 
B 1 17 LEU 17 17 17 LEU LEU B . n 
B 1 18 ARG 18 18 18 ARG ARG B . n 
B 1 19 LYS 19 19 19 LYS LYS B . n 
B 1 20 LEU 20 20 20 LEU LEU B . n 
B 1 21 ARG 21 21 21 ARG ARG B . n 
B 1 22 LYS 22 22 22 LYS LYS B . n 
B 1 23 LYS 23 23 23 LYS LYS B . n 
B 1 24 LEU 24 24 24 LEU LEU B . n 
B 1 25 ARG 25 25 25 ARG ARG B . n 
B 1 26 SER 26 26 26 SER SER B . n 
B 1 27 GLY 27 27 ?  ?   ?   B . n 
# 
loop_
_pdbx_nonpoly_scheme.asym_id 
_pdbx_nonpoly_scheme.entity_id 
_pdbx_nonpoly_scheme.mon_id 
_pdbx_nonpoly_scheme.ndb_seq_num 
_pdbx_nonpoly_scheme.pdb_seq_num 
_pdbx_nonpoly_scheme.auth_seq_num 
_pdbx_nonpoly_scheme.pdb_mon_id 
_pdbx_nonpoly_scheme.auth_mon_id 
_pdbx_nonpoly_scheme.pdb_strand_id 
_pdbx_nonpoly_scheme.pdb_ins_code 
C 2 ACE 1  28 1  ACE ACE A . 
D 3 PGE 1  28 1  PGE PGE B . 
E 4 HOH 1  29 2  HOH HOH A . 
E 4 HOH 2  30 30 HOH HOH A . 
E 4 HOH 3  31 4  HOH HOH A . 
E 4 HOH 4  32 32 HOH HOH A . 
E 4 HOH 5  33 5  HOH HOH A . 
E 4 HOH 6  34 6  HOH HOH A . 
E 4 HOH 7  35 8  HOH HOH A . 
E 4 HOH 8  36 2  HOH HOH A . 
E 4 HOH 9  37 4  HOH HOH A . 
E 4 HOH 10 38 7  HOH HOH A . 
E 4 HOH 11 39 9  HOH HOH A . 
E 4 HOH 12 40 11 HOH HOH A . 
E 4 HOH 13 41 13 HOH HOH A . 
E 4 HOH 14 42 17 HOH HOH A . 
E 4 HOH 15 43 43 HOH HOH A . 
E 4 HOH 16 44 21 HOH HOH A . 
E 4 HOH 17 45 25 HOH HOH A . 
E 4 HOH 18 46 27 HOH HOH A . 
E 4 HOH 19 51 51 HOH HOH A . 
F 4 HOH 1  29 1  HOH HOH B . 
F 4 HOH 2  30 3  HOH HOH B . 
F 4 HOH 3  31 7  HOH HOH B . 
F 4 HOH 4  32 9  HOH HOH B . 
F 4 HOH 5  33 1  HOH HOH B . 
F 4 HOH 6  34 3  HOH HOH B . 
F 4 HOH 7  35 5  HOH HOH B . 
F 4 HOH 8  36 6  HOH HOH B . 
F 4 HOH 9  37 37 HOH HOH B . 
F 4 HOH 10 38 10 HOH HOH B . 
F 4 HOH 11 39 12 HOH HOH B . 
F 4 HOH 12 40 14 HOH HOH B . 
F 4 HOH 13 41 18 HOH HOH B . 
F 4 HOH 14 42 19 HOH HOH B . 
F 4 HOH 15 43 20 HOH HOH B . 
F 4 HOH 16 44 44 HOH HOH B . 
F 4 HOH 17 45 45 HOH HOH B . 
F 4 HOH 18 46 24 HOH HOH B . 
F 4 HOH 19 47 47 HOH HOH B . 
F 4 HOH 20 48 28 HOH HOH B . 
F 4 HOH 21 50 50 HOH HOH B . 
# 
loop_
_pdbx_unobs_or_zero_occ_atoms.id 
_pdbx_unobs_or_zero_occ_atoms.PDB_model_num 
_pdbx_unobs_or_zero_occ_atoms.polymer_flag 
_pdbx_unobs_or_zero_occ_atoms.occupancy_flag 
_pdbx_unobs_or_zero_occ_atoms.auth_asym_id 
_pdbx_unobs_or_zero_occ_atoms.auth_comp_id 
_pdbx_unobs_or_zero_occ_atoms.auth_seq_id 
_pdbx_unobs_or_zero_occ_atoms.PDB_ins_code 
_pdbx_unobs_or_zero_occ_atoms.auth_atom_id 
_pdbx_unobs_or_zero_occ_atoms.label_alt_id 
_pdbx_unobs_or_zero_occ_atoms.label_asym_id 
_pdbx_unobs_or_zero_occ_atoms.label_comp_id 
_pdbx_unobs_or_zero_occ_atoms.label_seq_id 
_pdbx_unobs_or_zero_occ_atoms.label_atom_id 
1 1 Y 1 B GLU 5  ? CG  ? B GLU 5  CG  
2 1 Y 1 B GLU 5  ? CD  ? B GLU 5  CD  
3 1 Y 1 B GLU 5  ? OE1 ? B GLU 5  OE1 
4 1 Y 1 B GLU 5  ? OE2 ? B GLU 5  OE2 
5 1 Y 1 B SER 26 ? OG  ? B SER 26 OG  
# 
loop_
_software.pdbx_ordinal 
_software.name 
_software.version 
_software.date 
_software.type 
_software.contact_author 
_software.contact_author_email 
_software.classification 
_software.location 
_software.language 
_software.citation_id 
1 DENZO       .              ?               package 'Zbyszek Otwinowski' hkl@hkl-xray.com                 'data reduction'  
http://www.hkl-xray.com/                    ?   ? 
2 SCALEPACK   .              ?               package 'Zbyszek Otwinowski' hkl@hkl-xray.com                 'data scaling'    
http://www.hkl-xray.com/                    ?   ? 
3 PHASER      .              ?               program 'Randy J. Read'      cimr-phaser@lists.cam.ac.uk      phasing           
http://www-structmed.cimr.cam.ac.uk/phaser/ ?   ? 
4 BUSTER-TNT  'BUSTER 2.8.0' ?               program 'Gerard Bricogne'    buster-develop@GlobalPhasing.com refinement        
http://www.globalphasing.com/buster/        ?   ? 
5 PDB_EXTRACT 3.10           'June 10, 2010' package PDB                  deposit@deposit.rcsb.org         'data extraction' 
http://sw-tools.pdb.org/apps/PDB_EXTRACT/   C++ ? 
6 MD2         .              ?               ?       ?                    ?                                'data collection' ? ?   
? 
7 HKL-2000    .              ?               ?       ?                    ?                                'data reduction'  ? ?   
? 
8 HKL-2000    .              ?               ?       ?                    ?                                'data scaling'    ? ?   
? 
9 BUSTER      1.6.0          ?               ?       ?                    ?                                refinement        ? ?   
? 
# 
_cell.length_a           49.043 
_cell.length_b           49.043 
_cell.length_c           41.227 
_cell.angle_alpha        90.000 
_cell.angle_beta         90.000 
_cell.angle_gamma        90.000 
_cell.entry_id           3TWE 
_cell.pdbx_unique_axis   ? 
_cell.Z_PDB              16 
_cell.length_a_esd       ? 
_cell.length_b_esd       ? 
_cell.length_c_esd       ? 
_cell.angle_alpha_esd    ? 
_cell.angle_beta_esd     ? 
_cell.angle_gamma_esd    ? 
# 
_symmetry.space_group_name_H-M             'I 41' 
_symmetry.entry_id                         3TWE 
_symmetry.Int_Tables_number                80 
_symmetry.pdbx_full_space_group_name_H-M   ? 
_symmetry.cell_setting                     ? 
_symmetry.space_group_name_Hall            ? 
# 
_exptl.crystals_number   1 
_exptl.entry_id          3TWE 
_exptl.method            'X-RAY DIFFRACTION' 
# 
_exptl_crystal.id                    1 
_exptl_crystal.density_Matthews      1.90 
_exptl_crystal.density_meas          ? 
_exptl_crystal.density_percent_sol   35.17 
_exptl_crystal.description           ? 
_exptl_crystal.F_000                 ? 
_exptl_crystal.preparation           ? 
# 
_exptl_crystal_grow.crystal_id      1 
_exptl_crystal_grow.method          'VAPOR DIFFUSION, HANGING DROP' 
_exptl_crystal_grow.pH              9.0 
_exptl_crystal_grow.temp            293.15 
_exptl_crystal_grow.pdbx_details    '48% PEG400, 0.1M CHES pH 9.0, vapor diffusion, hanging drop, temperature 293.15K' 
_exptl_crystal_grow.temp_details    ? 
_exptl_crystal_grow.pdbx_pH_range   ? 
# 
_diffrn.id                     1 
_diffrn.ambient_temp           100 
_diffrn.ambient_temp_details   ? 
_diffrn.crystal_id             1 
# 
_diffrn_detector.diffrn_id              1 
_diffrn_detector.detector               CCD 
_diffrn_detector.type                   'MARMOSAIC 225 mm CCD' 
_diffrn_detector.pdbx_collection_date   2011-02-03 
_diffrn_detector.details                ? 
# 
_diffrn_radiation.diffrn_id                        1 
_diffrn_radiation.pdbx_diffrn_protocol             'SINGLE WAVELENGTH' 
_diffrn_radiation.monochromator                    'Diamond [111]' 
_diffrn_radiation.wavelength_id                    1 
_diffrn_radiation.pdbx_monochromatic_or_laue_m_l   M 
_diffrn_radiation.pdbx_scattering_type             x-ray 
# 
_diffrn_radiation_wavelength.id           1 
_diffrn_radiation_wavelength.wavelength   0.97872 
_diffrn_radiation_wavelength.wt           1.0 
# 
_diffrn_source.diffrn_id                   1 
_diffrn_source.source                      SYNCHROTRON 
_diffrn_source.type                        'APS BEAMLINE 21-ID-F' 
_diffrn_source.pdbx_wavelength_list        0.97872 
_diffrn_source.pdbx_wavelength             ? 
_diffrn_source.pdbx_synchrotron_site       APS 
_diffrn_source.pdbx_synchrotron_beamline   21-ID-F 
# 
_reflns.entry_id                     3TWE 
_reflns.d_resolution_high            1.360 
_reflns.d_resolution_low             50.000 
_reflns.number_obs                   10522 
_reflns.pdbx_Rmerge_I_obs            0.047 
_reflns.pdbx_netI_over_sigmaI        14.500 
_reflns.pdbx_chi_squared             0.722 
_reflns.pdbx_redundancy              7.300 
_reflns.percent_possible_obs         99.100 
_reflns.observed_criterion_sigma_F   ? 
_reflns.observed_criterion_sigma_I   -3 
_reflns.number_all                   10618 
_reflns.pdbx_Rsym_value              ? 
_reflns.B_iso_Wilson_estimate        ? 
_reflns.R_free_details               ? 
_reflns.limit_h_max                  ? 
_reflns.limit_h_min                  ? 
_reflns.limit_k_max                  ? 
_reflns.limit_k_min                  ? 
_reflns.limit_l_max                  ? 
_reflns.limit_l_min                  ? 
_reflns.observed_criterion_F_max     ? 
_reflns.observed_criterion_F_min     ? 
_reflns.pdbx_scaling_rejects         ? 
_reflns.pdbx_ordinal                 1 
_reflns.pdbx_diffrn_id               1 
# 
loop_
_reflns_shell.d_res_high 
_reflns_shell.d_res_low 
_reflns_shell.number_measured_obs 
_reflns_shell.number_measured_all 
_reflns_shell.number_unique_obs 
_reflns_shell.Rmerge_I_obs 
_reflns_shell.meanI_over_sigI_obs 
_reflns_shell.pdbx_Rsym_value 
_reflns_shell.pdbx_chi_squared 
_reflns_shell.pdbx_redundancy 
_reflns_shell.percent_possible_obs 
_reflns_shell.number_unique_all 
_reflns_shell.percent_possible_all 
_reflns_shell.pdbx_ordinal 
_reflns_shell.pdbx_diffrn_id 
1.360 1.380  ? ? ? 0.258 ? ? 0.571 6.600 ? 524 99.600  1  1 
1.380 1.410  ? ? ? 0.270 ? ? 0.535 7.300 ? 509 100.000 2  1 
1.410 1.440  ? ? ? 0.237 ? ? 0.525 7.400 ? 540 100.000 3  1 
1.440 1.470  ? ? ? 0.194 ? ? 0.572 7.400 ? 517 99.800  4  1 
1.470 1.500  ? ? ? 0.142 ? ? 0.600 7.400 ? 534 99.800  5  1 
1.500 1.530  ? ? ? 0.119 ? ? 0.614 7.400 ? 522 100.000 6  1 
1.530 1.570  ? ? ? 0.103 ? ? 0.602 7.400 ? 523 100.000 7  1 
1.570 1.610  ? ? ? 0.087 ? ? 0.630 7.400 ? 548 100.000 8  1 
1.610 1.660  ? ? ? 0.083 ? ? 0.648 7.400 ? 510 100.000 9  1 
1.660 1.710  ? ? ? 0.075 ? ? 0.680 7.500 ? 537 100.000 10 1 
1.710 1.770  ? ? ? 0.065 ? ? 0.717 7.500 ? 528 100.000 11 1 
1.770 1.850  ? ? ? 0.060 ? ? 0.739 7.500 ? 519 100.000 12 1 
1.850 1.930  ? ? ? 0.055 ? ? 0.790 7.500 ? 542 100.000 13 1 
1.930 2.030  ? ? ? 0.044 ? ? 0.785 7.500 ? 527 100.000 14 1 
2.030 2.160  ? ? ? 0.047 ? ? 0.797 7.400 ? 535 100.000 15 1 
2.160 2.330  ? ? ? 0.047 ? ? 0.927 7.300 ? 528 100.000 16 1 
2.330 2.560  ? ? ? 0.050 ? ? 1.017 7.000 ? 533 100.000 17 1 
2.560 2.930  ? ? ? 0.048 ? ? 0.955 7.100 ? 537 100.000 18 1 
2.930 3.690  ? ? ? 0.037 ? ? 0.917 7.200 ? 537 99.100  19 1 
3.690 50.000 ? ? ? 0.038 ? ? 0.840 6.200 ? 472 85.200  20 1 
# 
_refine.entry_id                                 3TWE 
_refine.ls_d_res_high                            1.3600 
_refine.ls_d_res_low                             10.0000 
_refine.pdbx_ls_sigma_F                          0.000 
_refine.pdbx_data_cutoff_high_absF               ? 
_refine.pdbx_data_cutoff_low_absF                ? 
_refine.ls_percent_reflns_obs                    ? 
_refine.ls_number_reflns_obs                     10467 
_refine.ls_number_reflns_all                     ? 
_refine.pdbx_ls_cross_valid_method               THROUGHOUT 
_refine.pdbx_R_Free_selection_details            RANDOM 
_refine.details                                  ? 
_refine.ls_R_factor_all                          ? 
_refine.ls_R_factor_obs                          0.1999 
_refine.ls_R_factor_R_work                       0.1973 
_refine.ls_wR_factor_R_work                      ? 
_refine.ls_R_factor_R_free                       0.2553 
_refine.ls_wR_factor_R_free                      ? 
_refine.ls_percent_reflns_R_free                 4.7600 
_refine.ls_number_reflns_R_free                  498 
_refine.ls_R_factor_R_free_error                 ? 
_refine.B_iso_mean                               24.6122 
_refine.solvent_model_param_bsol                 ? 
_refine.solvent_model_param_ksol                 ? 
_refine.pdbx_isotropic_thermal_model             ? 
_refine.aniso_B[1][1]                            0.2670 
_refine.aniso_B[2][2]                            0.2670 
_refine.aniso_B[3][3]                            -0.5339 
_refine.aniso_B[1][2]                            0.0000 
_refine.aniso_B[1][3]                            0.0000 
_refine.aniso_B[2][3]                            0.0000 
_refine.correlation_coeff_Fo_to_Fc               0.9530 
_refine.correlation_coeff_Fo_to_Fc_free          0.9324 
_refine.overall_SU_R_Cruickshank_DPI             ? 
_refine.overall_SU_R_free                        ? 
_refine.pdbx_overall_ESU_R_Free                  ? 
_refine.overall_SU_ML                            ? 
_refine.overall_SU_B                             ? 
_refine.solvent_model_details                    ? 
_refine.pdbx_solvent_vdw_probe_radii             ? 
_refine.pdbx_solvent_ion_probe_radii             ? 
_refine.pdbx_solvent_shrinkage_radii             ? 
_refine.ls_number_parameters                     ? 
_refine.ls_number_restraints                     ? 
_refine.pdbx_starting_model                      ? 
_refine.pdbx_method_to_determine_struct          'MOLECULAR REPLACEMENT' 
_refine.pdbx_stereochemistry_target_values       'maximum likelihood' 
_refine.pdbx_stereochem_target_val_spec_case     ? 
_refine.overall_FOM_work_R_set                   ? 
_refine.B_iso_max                                95.180 
_refine.B_iso_min                                11.680 
_refine.pdbx_overall_phase_error                 ? 
_refine.occupancy_max                            1.000 
_refine.occupancy_min                            0.500 
_refine.pdbx_ls_sigma_I                          ? 
_refine.ls_redundancy_reflns_obs                 ? 
_refine.ls_R_factor_R_free_error_details         ? 
_refine.pdbx_data_cutoff_high_rms_absF           ? 
_refine.overall_FOM_free_R_set                   ? 
_refine.pdbx_diffrn_id                           1 
_refine.pdbx_refine_id                           'X-RAY DIFFRACTION' 
_refine.pdbx_overall_ESU_R                       ? 
_refine.pdbx_TLS_residual_ADP_flag               ? 
_refine.pdbx_overall_SU_R_free_Cruickshank_DPI   ? 
_refine.pdbx_overall_SU_R_Blow_DPI               ? 
_refine.pdbx_overall_SU_R_free_Blow_DPI          ? 
# 
_refine_analyze.entry_id                        3TWE 
_refine_analyze.Luzzati_coordinate_error_obs    0.172 
_refine_analyze.Luzzati_sigma_a_obs             ? 
_refine_analyze.Luzzati_d_res_low_obs           ? 
_refine_analyze.Luzzati_coordinate_error_free   ? 
_refine_analyze.Luzzati_sigma_a_free            ? 
_refine_analyze.Luzzati_d_res_low_free          ? 
_refine_analyze.number_disordered_residues      ? 
_refine_analyze.occupancy_sum_non_hydrogen      ? 
_refine_analyze.occupancy_sum_hydrogen          ? 
_refine_analyze.pdbx_Luzzati_d_res_high_obs     ? 
_refine_analyze.pdbx_refine_id                  'X-RAY DIFFRACTION' 
# 
_refine_hist.pdbx_refine_id                   'X-RAY DIFFRACTION' 
_refine_hist.cycle_id                         LAST 
_refine_hist.pdbx_number_atoms_protein        439 
_refine_hist.pdbx_number_atoms_nucleic_acid   0 
_refine_hist.pdbx_number_atoms_ligand         13 
_refine_hist.number_atoms_solvent             40 
_refine_hist.number_atoms_total               492 
_refine_hist.d_res_high                       1.3600 
_refine_hist.d_res_low                        10.0000 
# 
loop_
_refine_ls_restr.type 
_refine_ls_restr.number 
_refine_ls_restr.dev_ideal 
_refine_ls_restr.dev_ideal_target 
_refine_ls_restr.weight 
_refine_ls_restr.pdbx_restraint_function 
_refine_ls_restr.pdbx_refine_id 
t_dihedral_angle_d        189 ?      ? 2.000  SINUSOIDAL   'X-RAY DIFFRACTION' 
t_trig_c_planes           15  ?      ? 2.000  HARMONIC     'X-RAY DIFFRACTION' 
t_gen_planes              60  ?      ? 5.000  HARMONIC     'X-RAY DIFFRACTION' 
t_it                      451 ?      ? 20.000 HARMONIC     'X-RAY DIFFRACTION' 
t_nbd                     ?   ?      ? ?      ?            'X-RAY DIFFRACTION' 
t_improper_torsion        ?   ?      ? ?      ?            'X-RAY DIFFRACTION' 
t_pseud_angle             ?   ?      ? ?      ?            'X-RAY DIFFRACTION' 
t_chiral_improper_torsion 50  ?      ? 5.000  SEMIHARMONIC 'X-RAY DIFFRACTION' 
t_sum_occupancies         ?   ?      ? ?      ?            'X-RAY DIFFRACTION' 
t_utility_distance        ?   ?      ? ?      ?            'X-RAY DIFFRACTION' 
t_utility_angle           ?   ?      ? ?      ?            'X-RAY DIFFRACTION' 
t_utility_torsion         ?   ?      ? ?      ?            'X-RAY DIFFRACTION' 
t_ideal_dist_contact      574 ?      ? 4.000  SEMIHARMONIC 'X-RAY DIFFRACTION' 
t_bond_d                  451 0.010  ? 2.000  HARMONIC     'X-RAY DIFFRACTION' 
t_angle_deg               589 0.960  ? 2.000  HARMONIC     'X-RAY DIFFRACTION' 
t_omega_torsion           ?   2.070  ? ?      ?            'X-RAY DIFFRACTION' 
t_other_torsion           ?   15.130 ? ?      ?            'X-RAY DIFFRACTION' 
# 
_refine_ls_shell.d_res_high                       1.3600 
_refine_ls_shell.d_res_low                        1.5200 
_refine_ls_shell.pdbx_total_number_of_bins_used   5 
_refine_ls_shell.percent_reflns_obs               ? 
_refine_ls_shell.number_reflns_R_work             2832 
_refine_ls_shell.R_factor_all                     0.1566 
_refine_ls_shell.R_factor_R_work                  0.1558 
_refine_ls_shell.R_factor_R_free                  0.1726 
_refine_ls_shell.percent_reflns_R_free            4.6500 
_refine_ls_shell.number_reflns_R_free             138 
_refine_ls_shell.R_factor_R_free_error            ? 
_refine_ls_shell.number_reflns_all                2970 
_refine_ls_shell.number_reflns_obs                ? 
_refine_ls_shell.redundancy_reflns_obs            ? 
_refine_ls_shell.pdbx_refine_id                   'X-RAY DIFFRACTION' 
# 
_struct.entry_id                  3TWE 
_struct.title                     'Crystal Structure of the de novo designed peptide alpha4H' 
_struct.pdbx_model_details        ? 
_struct.pdbx_CASP_flag            ? 
_struct.pdbx_model_type_details   ? 
# 
_struct_keywords.entry_id        3TWE 
_struct_keywords.text            'alpha helix, UNKNOWN FUNCTION' 
_struct_keywords.pdbx_keywords   'UNKNOWN FUNCTION' 
# 
loop_
_struct_asym.id 
_struct_asym.pdbx_blank_PDB_chainid_flag 
_struct_asym.pdbx_modified 
_struct_asym.entity_id 
_struct_asym.details 
A N N 1 ? 
B N N 1 ? 
C N N 2 ? 
D N N 3 ? 
E N N 4 ? 
F N N 4 ? 
# 
_struct_ref.id                         1 
_struct_ref.db_name                    PDB 
_struct_ref.db_code                    3TWE 
_struct_ref.pdbx_db_accession          3TWE 
_struct_ref.entity_id                  1 
_struct_ref.pdbx_align_begin           ? 
_struct_ref.pdbx_seq_one_letter_code   GNADELYKELEDLQERLRKLRKKLRSG 
_struct_ref.pdbx_db_isoform            ? 
# 
loop_
_struct_ref_seq.align_id 
_struct_ref_seq.ref_id 
_struct_ref_seq.pdbx_PDB_id_code 
_struct_ref_seq.pdbx_strand_id 
_struct_ref_seq.seq_align_beg 
_struct_ref_seq.pdbx_seq_align_beg_ins_code 
_struct_ref_seq.seq_align_end 
_struct_ref_seq.pdbx_seq_align_end_ins_code 
_struct_ref_seq.pdbx_db_accession 
_struct_ref_seq.db_align_beg 
_struct_ref_seq.pdbx_db_align_beg_ins_code 
_struct_ref_seq.db_align_end 
_struct_ref_seq.pdbx_db_align_end_ins_code 
_struct_ref_seq.pdbx_auth_seq_align_beg 
_struct_ref_seq.pdbx_auth_seq_align_end 
1 1 3TWE A 1 ? 27 ? 3TWE 1 ? 27 ? 1 27 
2 1 3TWE B 1 ? 27 ? 3TWE 1 ? 27 ? 1 27 
# 
loop_
_pdbx_struct_assembly.id 
_pdbx_struct_assembly.details 
_pdbx_struct_assembly.method_details 
_pdbx_struct_assembly.oligomeric_details 
_pdbx_struct_assembly.oligomeric_count 
1 author_and_software_defined_assembly PISA tetrameric 4 
2 software_defined_assembly            PISA dimeric    2 
# 
loop_
_pdbx_struct_assembly_prop.biol_id 
_pdbx_struct_assembly_prop.type 
_pdbx_struct_assembly_prop.value 
_pdbx_struct_assembly_prop.details 
1 'ABSA (A^2)' 5480 ? 
1 MORE         -25  ? 
1 'SSA (A^2)'  7160 ? 
2 'ABSA (A^2)' 1530 ? 
2 MORE         -7   ? 
2 'SSA (A^2)'  4790 ? 
# 
loop_
_pdbx_struct_assembly_gen.assembly_id 
_pdbx_struct_assembly_gen.oper_expression 
_pdbx_struct_assembly_gen.asym_id_list 
1 1,2 A,B,C,D,E,F 
2 1   A,B,C,D,E,F 
# 
loop_
_pdbx_struct_oper_list.id 
_pdbx_struct_oper_list.type 
_pdbx_struct_oper_list.name 
_pdbx_struct_oper_list.symmetry_operation 
_pdbx_struct_oper_list.matrix[1][1] 
_pdbx_struct_oper_list.matrix[1][2] 
_pdbx_struct_oper_list.matrix[1][3] 
_pdbx_struct_oper_list.vector[1] 
_pdbx_struct_oper_list.matrix[2][1] 
_pdbx_struct_oper_list.matrix[2][2] 
_pdbx_struct_oper_list.matrix[2][3] 
_pdbx_struct_oper_list.vector[2] 
_pdbx_struct_oper_list.matrix[3][1] 
_pdbx_struct_oper_list.matrix[3][2] 
_pdbx_struct_oper_list.matrix[3][3] 
_pdbx_struct_oper_list.vector[3] 
1 'identity operation'         1_555 x,y,z       1.0000000000 0.0000000000  0.0000000000  0.0000000000 0.0000000000  1.0000000000  0.0000000000 0.0000000000  0.0000000000  0.0000000000 1.0000000000  0.0000000000  
2 'crystal symmetry operation' 6_765 -x+2,-y+1,z 0.5448072598 -0.7042897220 -0.4551494668 3.2936250407 -0.7042897220 -0.6789088028 0.2075062047 10.0419894206 -0.4551494668 0.2075062047 -0.8658984570 -4.3600052479 
# 
_struct_biol.id        1 
_struct_biol.details   ? 
# 
loop_
_struct_conf.conf_type_id 
_struct_conf.id 
_struct_conf.pdbx_PDB_helix_id 
_struct_conf.beg_label_comp_id 
_struct_conf.beg_label_asym_id 
_struct_conf.beg_label_seq_id 
_struct_conf.pdbx_beg_PDB_ins_code 
_struct_conf.end_label_comp_id 
_struct_conf.end_label_asym_id 
_struct_conf.end_label_seq_id 
_struct_conf.pdbx_end_PDB_ins_code 
_struct_conf.beg_auth_comp_id 
_struct_conf.beg_auth_asym_id 
_struct_conf.beg_auth_seq_id 
_struct_conf.end_auth_comp_id 
_struct_conf.end_auth_asym_id 
_struct_conf.end_auth_seq_id 
_struct_conf.pdbx_PDB_helix_class 
_struct_conf.details 
_struct_conf.pdbx_PDB_helix_length 
HELX_P HELX_P1 1 GLY A 1 ? SER A 26 ? GLY A 1 SER A 26 1 ? 26 
HELX_P HELX_P2 2 ALA B 3 ? SER B 26 ? ALA B 3 SER B 26 1 ? 24 
# 
_struct_conf_type.id          HELX_P 
_struct_conf_type.criteria    ? 
_struct_conf_type.reference   ? 
# 
loop_
_struct_site.id 
_struct_site.pdbx_evidence_code 
_struct_site.pdbx_auth_asym_id 
_struct_site.pdbx_auth_comp_id 
_struct_site.pdbx_auth_seq_id 
_struct_site.pdbx_auth_ins_code 
_struct_site.pdbx_num_residues 
_struct_site.details 
AC1 Software A ACE 28 ? 4 'BINDING SITE FOR RESIDUE ACE A 28' 
AC2 Software B PGE 28 ? 9 'BINDING SITE FOR RESIDUE PGE B 28' 
# 
loop_
_struct_site_gen.id 
_struct_site_gen.site_id 
_struct_site_gen.pdbx_num_res 
_struct_site_gen.label_comp_id 
_struct_site_gen.label_asym_id 
_struct_site_gen.label_seq_id 
_struct_site_gen.pdbx_auth_ins_code 
_struct_site_gen.auth_comp_id 
_struct_site_gen.auth_asym_id 
_struct_site_gen.auth_seq_id 
_struct_site_gen.label_atom_id 
_struct_site_gen.label_alt_id 
_struct_site_gen.symmetry 
_struct_site_gen.details 
1  AC1 4 GLY A 1  ? GLY A 1  . ? 1_555 ? 
2  AC1 4 TYR A 7  ? TYR A 7  . ? 3_645 ? 
3  AC1 4 ASN B 2  ? ASN B 2  . ? 6_766 ? 
4  AC1 4 ARG B 25 ? ARG B 25 . ? 3_645 ? 
5  AC2 9 GLU A 9  ? GLU A 9  . ? 6_765 ? 
6  AC2 9 GLU B 11 ? GLU B 11 . ? 8_665 ? 
7  AC2 9 GLU B 15 ? GLU B 15 . ? 8_665 ? 
8  AC2 9 ARG B 16 ? ARG B 16 . ? 1_555 ? 
9  AC2 9 LYS B 19 ? LYS B 19 . ? 1_555 ? 
10 AC2 9 LEU B 20 ? LEU B 20 . ? 1_555 ? 
11 AC2 9 LYS B 23 ? LYS B 23 . ? 1_555 ? 
12 AC2 9 HOH F .  ? HOH B 38 . ? 1_555 ? 
13 AC2 9 HOH F .  ? HOH B 40 . ? 1_555 ? 
# 
_pdbx_validate_close_contact.id               1 
_pdbx_validate_close_contact.PDB_model_num    1 
_pdbx_validate_close_contact.auth_atom_id_1   N 
_pdbx_validate_close_contact.auth_asym_id_1   A 
_pdbx_validate_close_contact.auth_comp_id_1   GLY 
_pdbx_validate_close_contact.auth_seq_id_1    1 
_pdbx_validate_close_contact.PDB_ins_code_1   ? 
_pdbx_validate_close_contact.label_alt_id_1   ? 
_pdbx_validate_close_contact.auth_atom_id_2   C 
_pdbx_validate_close_contact.auth_asym_id_2   A 
_pdbx_validate_close_contact.auth_comp_id_2   ACE 
_pdbx_validate_close_contact.auth_seq_id_2    28 
_pdbx_validate_close_contact.PDB_ins_code_2   ? 
_pdbx_validate_close_contact.label_alt_id_2   ? 
_pdbx_validate_close_contact.dist             1.55 
# 
loop_
_pdbx_refine_tls.pdbx_refine_id 
_pdbx_refine_tls.id 
_pdbx_refine_tls.details 
_pdbx_refine_tls.method 
_pdbx_refine_tls.origin_x 
_pdbx_refine_tls.origin_y 
_pdbx_refine_tls.origin_z 
_pdbx_refine_tls.T[1][1] 
_pdbx_refine_tls.T[2][2] 
_pdbx_refine_tls.T[3][3] 
_pdbx_refine_tls.T[1][2] 
_pdbx_refine_tls.T[1][3] 
_pdbx_refine_tls.T[2][3] 
_pdbx_refine_tls.L[1][1] 
_pdbx_refine_tls.L[2][2] 
_pdbx_refine_tls.L[3][3] 
_pdbx_refine_tls.L[1][2] 
_pdbx_refine_tls.L[1][3] 
_pdbx_refine_tls.L[2][3] 
_pdbx_refine_tls.S[1][1] 
_pdbx_refine_tls.S[2][2] 
_pdbx_refine_tls.S[3][3] 
_pdbx_refine_tls.S[1][2] 
_pdbx_refine_tls.S[1][3] 
_pdbx_refine_tls.S[2][3] 
_pdbx_refine_tls.S[2][1] 
_pdbx_refine_tls.S[3][1] 
_pdbx_refine_tls.S[3][2] 
'X-RAY DIFFRACTION' 1 ? refined -2.6545 -1.2461 -3.5700 -0.0230 -0.0698 -0.0589 -0.0043 -0.0267 -0.0031 3.7782 1.3477 1.4803 -0.1186 0.8997 -0.2912 -0.0946 0.0221  0.0724 -0.0250 -0.0009 0.0807  -0.0741 0.0215 -0.0369 
'X-RAY DIFFRACTION' 2 ? refined 2.6850  0.6855  4.0313  -0.0328 -0.0479 -0.0605 -0.0064 -0.0063 -0.0013 4.7758 3.2744 2.3820 -0.3397 0.0948 -0.1327 0.0020  -0.0524 0.0504 -0.2064 -0.0960 -0.0029 0.0416  0.0302 -0.0043 
# 
loop_
_pdbx_refine_tls_group.pdbx_refine_id 
_pdbx_refine_tls_group.id 
_pdbx_refine_tls_group.refine_tls_id 
_pdbx_refine_tls_group.beg_auth_asym_id 
_pdbx_refine_tls_group.beg_auth_seq_id 
_pdbx_refine_tls_group.end_auth_asym_id 
_pdbx_refine_tls_group.end_auth_seq_id 
_pdbx_refine_tls_group.selection_details 
_pdbx_refine_tls_group.beg_label_asym_id 
_pdbx_refine_tls_group.beg_label_seq_id 
_pdbx_refine_tls_group.end_label_asym_id 
_pdbx_refine_tls_group.end_label_seq_id 
_pdbx_refine_tls_group.selection 
'X-RAY DIFFRACTION' 1 1 A 1 A 25 '{ A|1 - A|25 }' ? ? ? ? ? 
'X-RAY DIFFRACTION' 2 2 B 2 B 25 '{ B|2 - B|25 }' ? ? ? ? ? 
# 
_phasing.method   MR 
# 
loop_
_pdbx_unobs_or_zero_occ_residues.id 
_pdbx_unobs_or_zero_occ_residues.PDB_model_num 
_pdbx_unobs_or_zero_occ_residues.polymer_flag 
_pdbx_unobs_or_zero_occ_residues.occupancy_flag 
_pdbx_unobs_or_zero_occ_residues.auth_asym_id 
_pdbx_unobs_or_zero_occ_residues.auth_comp_id 
_pdbx_unobs_or_zero_occ_residues.auth_seq_id 
_pdbx_unobs_or_zero_occ_residues.PDB_ins_code 
_pdbx_unobs_or_zero_occ_residues.label_asym_id 
_pdbx_unobs_or_zero_occ_residues.label_comp_id 
_pdbx_unobs_or_zero_occ_residues.label_seq_id 
1 1 Y 1 A GLY 27 ? A GLY 27 
2 1 Y 1 B GLY 1  ? B GLY 1  
3 1 Y 1 B GLY 27 ? B GLY 27 
# 
loop_
_chem_comp_atom.comp_id 
_chem_comp_atom.atom_id 
_chem_comp_atom.type_symbol 
_chem_comp_atom.pdbx_aromatic_flag 
_chem_comp_atom.pdbx_stereo_config 
_chem_comp_atom.pdbx_ordinal 
ACE C    C N N 1   
ACE O    O N N 2   
ACE CH3  C N N 3   
ACE H    H N N 4   
ACE H1   H N N 5   
ACE H2   H N N 6   
ACE H3   H N N 7   
ALA N    N N N 8   
ALA CA   C N S 9   
ALA C    C N N 10  
ALA O    O N N 11  
ALA CB   C N N 12  
ALA OXT  O N N 13  
ALA H    H N N 14  
ALA H2   H N N 15  
ALA HA   H N N 16  
ALA HB1  H N N 17  
ALA HB2  H N N 18  
ALA HB3  H N N 19  
ALA HXT  H N N 20  
ARG N    N N N 21  
ARG CA   C N S 22  
ARG C    C N N 23  
ARG O    O N N 24  
ARG CB   C N N 25  
ARG CG   C N N 26  
ARG CD   C N N 27  
ARG NE   N N N 28  
ARG CZ   C N N 29  
ARG NH1  N N N 30  
ARG NH2  N N N 31  
ARG OXT  O N N 32  
ARG H    H N N 33  
ARG H2   H N N 34  
ARG HA   H N N 35  
ARG HB2  H N N 36  
ARG HB3  H N N 37  
ARG HG2  H N N 38  
ARG HG3  H N N 39  
ARG HD2  H N N 40  
ARG HD3  H N N 41  
ARG HE   H N N 42  
ARG HH11 H N N 43  
ARG HH12 H N N 44  
ARG HH21 H N N 45  
ARG HH22 H N N 46  
ARG HXT  H N N 47  
ASN N    N N N 48  
ASN CA   C N S 49  
ASN C    C N N 50  
ASN O    O N N 51  
ASN CB   C N N 52  
ASN CG   C N N 53  
ASN OD1  O N N 54  
ASN ND2  N N N 55  
ASN OXT  O N N 56  
ASN H    H N N 57  
ASN H2   H N N 58  
ASN HA   H N N 59  
ASN HB2  H N N 60  
ASN HB3  H N N 61  
ASN HD21 H N N 62  
ASN HD22 H N N 63  
ASN HXT  H N N 64  
ASP N    N N N 65  
ASP CA   C N S 66  
ASP C    C N N 67  
ASP O    O N N 68  
ASP CB   C N N 69  
ASP CG   C N N 70  
ASP OD1  O N N 71  
ASP OD2  O N N 72  
ASP OXT  O N N 73  
ASP H    H N N 74  
ASP H2   H N N 75  
ASP HA   H N N 76  
ASP HB2  H N N 77  
ASP HB3  H N N 78  
ASP HD2  H N N 79  
ASP HXT  H N N 80  
GLN N    N N N 81  
GLN CA   C N S 82  
GLN C    C N N 83  
GLN O    O N N 84  
GLN CB   C N N 85  
GLN CG   C N N 86  
GLN CD   C N N 87  
GLN OE1  O N N 88  
GLN NE2  N N N 89  
GLN OXT  O N N 90  
GLN H    H N N 91  
GLN H2   H N N 92  
GLN HA   H N N 93  
GLN HB2  H N N 94  
GLN HB3  H N N 95  
GLN HG2  H N N 96  
GLN HG3  H N N 97  
GLN HE21 H N N 98  
GLN HE22 H N N 99  
GLN HXT  H N N 100 
GLU N    N N N 101 
GLU CA   C N S 102 
GLU C    C N N 103 
GLU O    O N N 104 
GLU CB   C N N 105 
GLU CG   C N N 106 
GLU CD   C N N 107 
GLU OE1  O N N 108 
GLU OE2  O N N 109 
GLU OXT  O N N 110 
GLU H    H N N 111 
GLU H2   H N N 112 
GLU HA   H N N 113 
GLU HB2  H N N 114 
GLU HB3  H N N 115 
GLU HG2  H N N 116 
GLU HG3  H N N 117 
GLU HE2  H N N 118 
GLU HXT  H N N 119 
GLY N    N N N 120 
GLY CA   C N N 121 
GLY C    C N N 122 
GLY O    O N N 123 
GLY OXT  O N N 124 
GLY H    H N N 125 
GLY H2   H N N 126 
GLY HA2  H N N 127 
GLY HA3  H N N 128 
GLY HXT  H N N 129 
HOH O    O N N 130 
HOH H1   H N N 131 
HOH H2   H N N 132 
LEU N    N N N 133 
LEU CA   C N S 134 
LEU C    C N N 135 
LEU O    O N N 136 
LEU CB   C N N 137 
LEU CG   C N N 138 
LEU CD1  C N N 139 
LEU CD2  C N N 140 
LEU OXT  O N N 141 
LEU H    H N N 142 
LEU H2   H N N 143 
LEU HA   H N N 144 
LEU HB2  H N N 145 
LEU HB3  H N N 146 
LEU HG   H N N 147 
LEU HD11 H N N 148 
LEU HD12 H N N 149 
LEU HD13 H N N 150 
LEU HD21 H N N 151 
LEU HD22 H N N 152 
LEU HD23 H N N 153 
LEU HXT  H N N 154 
LYS N    N N N 155 
LYS CA   C N S 156 
LYS C    C N N 157 
LYS O    O N N 158 
LYS CB   C N N 159 
LYS CG   C N N 160 
LYS CD   C N N 161 
LYS CE   C N N 162 
LYS NZ   N N N 163 
LYS OXT  O N N 164 
LYS H    H N N 165 
LYS H2   H N N 166 
LYS HA   H N N 167 
LYS HB2  H N N 168 
LYS HB3  H N N 169 
LYS HG2  H N N 170 
LYS HG3  H N N 171 
LYS HD2  H N N 172 
LYS HD3  H N N 173 
LYS HE2  H N N 174 
LYS HE3  H N N 175 
LYS HZ1  H N N 176 
LYS HZ2  H N N 177 
LYS HZ3  H N N 178 
LYS HXT  H N N 179 
PGE C1   C N N 180 
PGE O1   O N N 181 
PGE C2   C N N 182 
PGE O2   O N N 183 
PGE C3   C N N 184 
PGE C4   C N N 185 
PGE O4   O N N 186 
PGE C6   C N N 187 
PGE C5   C N N 188 
PGE O3   O N N 189 
PGE H1   H N N 190 
PGE H12  H N N 191 
PGE HO1  H N N 192 
PGE H2   H N N 193 
PGE H22  H N N 194 
PGE H3   H N N 195 
PGE H32  H N N 196 
PGE H4   H N N 197 
PGE H42  H N N 198 
PGE HO4  H N N 199 
PGE H6   H N N 200 
PGE H62  H N N 201 
PGE H5   H N N 202 
PGE H52  H N N 203 
SER N    N N N 204 
SER CA   C N S 205 
SER C    C N N 206 
SER O    O N N 207 
SER CB   C N N 208 
SER OG   O N N 209 
SER OXT  O N N 210 
SER H    H N N 211 
SER H2   H N N 212 
SER HA   H N N 213 
SER HB2  H N N 214 
SER HB3  H N N 215 
SER HG   H N N 216 
SER HXT  H N N 217 
TYR N    N N N 218 
TYR CA   C N S 219 
TYR C    C N N 220 
TYR O    O N N 221 
TYR CB   C N N 222 
TYR CG   C Y N 223 
TYR CD1  C Y N 224 
TYR CD2  C Y N 225 
TYR CE1  C Y N 226 
TYR CE2  C Y N 227 
TYR CZ   C Y N 228 
TYR OH   O N N 229 
TYR OXT  O N N 230 
TYR H    H N N 231 
TYR H2   H N N 232 
TYR HA   H N N 233 
TYR HB2  H N N 234 
TYR HB3  H N N 235 
TYR HD1  H N N 236 
TYR HD2  H N N 237 
TYR HE1  H N N 238 
TYR HE2  H N N 239 
TYR HH   H N N 240 
TYR HXT  H N N 241 
# 
loop_
_chem_comp_bond.comp_id 
_chem_comp_bond.atom_id_1 
_chem_comp_bond.atom_id_2 
_chem_comp_bond.value_order 
_chem_comp_bond.pdbx_aromatic_flag 
_chem_comp_bond.pdbx_stereo_config 
_chem_comp_bond.pdbx_ordinal 
ACE C   O    doub N N 1   
ACE C   CH3  sing N N 2   
ACE C   H    sing N N 3   
ACE CH3 H1   sing N N 4   
ACE CH3 H2   sing N N 5   
ACE CH3 H3   sing N N 6   
ALA N   CA   sing N N 7   
ALA N   H    sing N N 8   
ALA N   H2   sing N N 9   
ALA CA  C    sing N N 10  
ALA CA  CB   sing N N 11  
ALA CA  HA   sing N N 12  
ALA C   O    doub N N 13  
ALA C   OXT  sing N N 14  
ALA CB  HB1  sing N N 15  
ALA CB  HB2  sing N N 16  
ALA CB  HB3  sing N N 17  
ALA OXT HXT  sing N N 18  
ARG N   CA   sing N N 19  
ARG N   H    sing N N 20  
ARG N   H2   sing N N 21  
ARG CA  C    sing N N 22  
ARG CA  CB   sing N N 23  
ARG CA  HA   sing N N 24  
ARG C   O    doub N N 25  
ARG C   OXT  sing N N 26  
ARG CB  CG   sing N N 27  
ARG CB  HB2  sing N N 28  
ARG CB  HB3  sing N N 29  
ARG CG  CD   sing N N 30  
ARG CG  HG2  sing N N 31  
ARG CG  HG3  sing N N 32  
ARG CD  NE   sing N N 33  
ARG CD  HD2  sing N N 34  
ARG CD  HD3  sing N N 35  
ARG NE  CZ   sing N N 36  
ARG NE  HE   sing N N 37  
ARG CZ  NH1  sing N N 38  
ARG CZ  NH2  doub N N 39  
ARG NH1 HH11 sing N N 40  
ARG NH1 HH12 sing N N 41  
ARG NH2 HH21 sing N N 42  
ARG NH2 HH22 sing N N 43  
ARG OXT HXT  sing N N 44  
ASN N   CA   sing N N 45  
ASN N   H    sing N N 46  
ASN N   H2   sing N N 47  
ASN CA  C    sing N N 48  
ASN CA  CB   sing N N 49  
ASN CA  HA   sing N N 50  
ASN C   O    doub N N 51  
ASN C   OXT  sing N N 52  
ASN CB  CG   sing N N 53  
ASN CB  HB2  sing N N 54  
ASN CB  HB3  sing N N 55  
ASN CG  OD1  doub N N 56  
ASN CG  ND2  sing N N 57  
ASN ND2 HD21 sing N N 58  
ASN ND2 HD22 sing N N 59  
ASN OXT HXT  sing N N 60  
ASP N   CA   sing N N 61  
ASP N   H    sing N N 62  
ASP N   H2   sing N N 63  
ASP CA  C    sing N N 64  
ASP CA  CB   sing N N 65  
ASP CA  HA   sing N N 66  
ASP C   O    doub N N 67  
ASP C   OXT  sing N N 68  
ASP CB  CG   sing N N 69  
ASP CB  HB2  sing N N 70  
ASP CB  HB3  sing N N 71  
ASP CG  OD1  doub N N 72  
ASP CG  OD2  sing N N 73  
ASP OD2 HD2  sing N N 74  
ASP OXT HXT  sing N N 75  
GLN N   CA   sing N N 76  
GLN N   H    sing N N 77  
GLN N   H2   sing N N 78  
GLN CA  C    sing N N 79  
GLN CA  CB   sing N N 80  
GLN CA  HA   sing N N 81  
GLN C   O    doub N N 82  
GLN C   OXT  sing N N 83  
GLN CB  CG   sing N N 84  
GLN CB  HB2  sing N N 85  
GLN CB  HB3  sing N N 86  
GLN CG  CD   sing N N 87  
GLN CG  HG2  sing N N 88  
GLN CG  HG3  sing N N 89  
GLN CD  OE1  doub N N 90  
GLN CD  NE2  sing N N 91  
GLN NE2 HE21 sing N N 92  
GLN NE2 HE22 sing N N 93  
GLN OXT HXT  sing N N 94  
GLU N   CA   sing N N 95  
GLU N   H    sing N N 96  
GLU N   H2   sing N N 97  
GLU CA  C    sing N N 98  
GLU CA  CB   sing N N 99  
GLU CA  HA   sing N N 100 
GLU C   O    doub N N 101 
GLU C   OXT  sing N N 102 
GLU CB  CG   sing N N 103 
GLU CB  HB2  sing N N 104 
GLU CB  HB3  sing N N 105 
GLU CG  CD   sing N N 106 
GLU CG  HG2  sing N N 107 
GLU CG  HG3  sing N N 108 
GLU CD  OE1  doub N N 109 
GLU CD  OE2  sing N N 110 
GLU OE2 HE2  sing N N 111 
GLU OXT HXT  sing N N 112 
GLY N   CA   sing N N 113 
GLY N   H    sing N N 114 
GLY N   H2   sing N N 115 
GLY CA  C    sing N N 116 
GLY CA  HA2  sing N N 117 
GLY CA  HA3  sing N N 118 
GLY C   O    doub N N 119 
GLY C   OXT  sing N N 120 
GLY OXT HXT  sing N N 121 
HOH O   H1   sing N N 122 
HOH O   H2   sing N N 123 
LEU N   CA   sing N N 124 
LEU N   H    sing N N 125 
LEU N   H2   sing N N 126 
LEU CA  C    sing N N 127 
LEU CA  CB   sing N N 128 
LEU CA  HA   sing N N 129 
LEU C   O    doub N N 130 
LEU C   OXT  sing N N 131 
LEU CB  CG   sing N N 132 
LEU CB  HB2  sing N N 133 
LEU CB  HB3  sing N N 134 
LEU CG  CD1  sing N N 135 
LEU CG  CD2  sing N N 136 
LEU CG  HG   sing N N 137 
LEU CD1 HD11 sing N N 138 
LEU CD1 HD12 sing N N 139 
LEU CD1 HD13 sing N N 140 
LEU CD2 HD21 sing N N 141 
LEU CD2 HD22 sing N N 142 
LEU CD2 HD23 sing N N 143 
LEU OXT HXT  sing N N 144 
LYS N   CA   sing N N 145 
LYS N   H    sing N N 146 
LYS N   H2   sing N N 147 
LYS CA  C    sing N N 148 
LYS CA  CB   sing N N 149 
LYS CA  HA   sing N N 150 
LYS C   O    doub N N 151 
LYS C   OXT  sing N N 152 
LYS CB  CG   sing N N 153 
LYS CB  HB2  sing N N 154 
LYS CB  HB3  sing N N 155 
LYS CG  CD   sing N N 156 
LYS CG  HG2  sing N N 157 
LYS CG  HG3  sing N N 158 
LYS CD  CE   sing N N 159 
LYS CD  HD2  sing N N 160 
LYS CD  HD3  sing N N 161 
LYS CE  NZ   sing N N 162 
LYS CE  HE2  sing N N 163 
LYS CE  HE3  sing N N 164 
LYS NZ  HZ1  sing N N 165 
LYS NZ  HZ2  sing N N 166 
LYS NZ  HZ3  sing N N 167 
LYS OXT HXT  sing N N 168 
PGE C1  O1   sing N N 169 
PGE C1  C2   sing N N 170 
PGE C1  H1   sing N N 171 
PGE C1  H12  sing N N 172 
PGE O1  HO1  sing N N 173 
PGE C2  O2   sing N N 174 
PGE C2  H2   sing N N 175 
PGE C2  H22  sing N N 176 
PGE O2  C3   sing N N 177 
PGE C3  C4   sing N N 178 
PGE C3  H3   sing N N 179 
PGE C3  H32  sing N N 180 
PGE C4  O3   sing N N 181 
PGE C4  H4   sing N N 182 
PGE C4  H42  sing N N 183 
PGE O4  C6   sing N N 184 
PGE O4  HO4  sing N N 185 
PGE C6  C5   sing N N 186 
PGE C6  H6   sing N N 187 
PGE C6  H62  sing N N 188 
PGE C5  O3   sing N N 189 
PGE C5  H5   sing N N 190 
PGE C5  H52  sing N N 191 
SER N   CA   sing N N 192 
SER N   H    sing N N 193 
SER N   H2   sing N N 194 
SER CA  C    sing N N 195 
SER CA  CB   sing N N 196 
SER CA  HA   sing N N 197 
SER C   O    doub N N 198 
SER C   OXT  sing N N 199 
SER CB  OG   sing N N 200 
SER CB  HB2  sing N N 201 
SER CB  HB3  sing N N 202 
SER OG  HG   sing N N 203 
SER OXT HXT  sing N N 204 
TYR N   CA   sing N N 205 
TYR N   H    sing N N 206 
TYR N   H2   sing N N 207 
TYR CA  C    sing N N 208 
TYR CA  CB   sing N N 209 
TYR CA  HA   sing N N 210 
TYR C   O    doub N N 211 
TYR C   OXT  sing N N 212 
TYR CB  CG   sing N N 213 
TYR CB  HB2  sing N N 214 
TYR CB  HB3  sing N N 215 
TYR CG  CD1  doub Y N 216 
TYR CG  CD2  sing Y N 217 
TYR CD1 CE1  sing Y N 218 
TYR CD1 HD1  sing N N 219 
TYR CD2 CE2  doub Y N 220 
TYR CD2 HD2  sing N N 221 
TYR CE1 CZ   doub Y N 222 
TYR CE1 HE1  sing N N 223 
TYR CE2 CZ   sing Y N 224 
TYR CE2 HE2  sing N N 225 
TYR CZ  OH   sing N N 226 
TYR OH  HH   sing N N 227 
TYR OXT HXT  sing N N 228 
# 
_atom_sites.entry_id                    3TWE 
_atom_sites.fract_transf_matrix[1][1]   0.00855551 
_atom_sites.fract_transf_matrix[1][2]   0.00797095 
_atom_sites.fract_transf_matrix[1][3]   0.01670387 
_atom_sites.fract_transf_matrix[2][1]   0.00462892 
_atom_sites.fract_transf_matrix[2][2]   0.01689583 
_atom_sites.fract_transf_matrix[2][3]   -0.01043342 
_atom_sites.fract_transf_matrix[3][1]   -0.02131775 
_atom_sites.fract_transf_matrix[3][2]   0.00971893 
_atom_sites.fract_transf_matrix[3][3]   0.00628089 
_atom_sites.fract_transf_vector[1]      0.982290 
_atom_sites.fract_transf_vector[2]      0.384792 
_atom_sites.fract_transf_vector[3]      0.149866 
# 
loop_
_atom_type.symbol 
C 
N 
O 
# 
loop_
_atom_site.group_PDB 
_atom_site.id 
_atom_site.type_symbol 
_atom_site.label_atom_id 
_atom_site.label_alt_id 
_atom_site.label_comp_id 
_atom_site.label_asym_id 
_atom_site.label_entity_id 
_atom_site.label_seq_id 
_atom_site.pdbx_PDB_ins_code 
_atom_site.Cartn_x 
_atom_site.Cartn_y 
_atom_site.Cartn_z 
_atom_site.occupancy 
_atom_site.B_iso_or_equiv 
_atom_site.pdbx_formal_charge 
_atom_site.auth_seq_id 
_atom_site.auth_comp_id 
_atom_site.auth_asym_id 
_atom_site.auth_atom_id 
_atom_site.pdbx_PDB_model_num 
ATOM   1   N N   . GLY A 1 1  ? -19.763 6.783   -4.643  1.00 30.22 ? 1  GLY A N   1 
ATOM   2   C CA  . GLY A 1 1  ? -19.500 7.370   -3.329  1.00 28.95 ? 1  GLY A CA  1 
ATOM   3   C C   . GLY A 1 1  ? -18.028 7.673   -3.184  1.00 29.56 ? 1  GLY A C   1 
ATOM   4   O O   . GLY A 1 1  ? -17.208 6.776   -3.349  1.00 27.52 ? 1  GLY A O   1 
ATOM   5   N N   . ASN A 1 2  ? -17.672 8.934   -2.914  1.00 26.16 ? 2  ASN A N   1 
ATOM   6   C CA  . ASN A 1 2  ? -16.290 9.394   -2.821  1.00 26.11 ? 2  ASN A CA  1 
ATOM   7   C C   . ASN A 1 2  ? -15.408 8.608   -1.863  1.00 27.41 ? 2  ASN A C   1 
ATOM   8   O O   . ASN A 1 2  ? -14.322 8.210   -2.264  1.00 24.29 ? 2  ASN A O   1 
ATOM   9   C CB  . ASN A 1 2  ? -16.235 10.891  -2.508  1.00 29.04 ? 2  ASN A CB  1 
ATOM   10  C CG  . ASN A 1 2  ? -16.674 11.780  -3.646  1.00 46.93 ? 2  ASN A CG  1 
ATOM   11  O OD1 . ASN A 1 2  ? -16.579 11.436  -4.834  1.00 42.98 ? 2  ASN A OD1 1 
ATOM   12  N ND2 . ASN A 1 2  ? -17.137 12.968  -3.303  1.00 38.33 ? 2  ASN A ND2 1 
ATOM   13  N N   . ALA A 1 3  ? -15.853 8.362   -0.614  1.00 26.45 ? 3  ALA A N   1 
ATOM   14  C CA  . ALA A 1 3  ? -15.048 7.622   0.367   1.00 25.77 ? 3  ALA A CA  1 
ATOM   15  C C   . ALA A 1 3  ? -14.798 6.195   -0.105  1.00 24.14 ? 3  ALA A C   1 
ATOM   16  O O   . ALA A 1 3  ? -13.672 5.716   -0.005  1.00 22.01 ? 3  ALA A O   1 
ATOM   17  C CB  . ALA A 1 3  ? -15.731 7.618   1.725   1.00 28.72 ? 3  ALA A CB  1 
ATOM   18  N N   . ASP A 1 4  ? -15.839 5.530   -0.653  1.00 22.73 ? 4  ASP A N   1 
ATOM   19  C CA  . ASP A 1 4  ? -15.708 4.159   -1.165  1.00 22.52 ? 4  ASP A CA  1 
ATOM   20  C C   . ASP A 1 4  ? -14.754 4.162   -2.361  1.00 21.27 ? 4  ASP A C   1 
ATOM   21  O O   . ASP A 1 4  ? -13.867 3.322   -2.437  1.00 18.91 ? 4  ASP A O   1 
ATOM   22  C CB  . ASP A 1 4  ? -17.084 3.617   -1.574  1.00 25.98 ? 4  ASP A CB  1 
ATOM   23  C CG  . ASP A 1 4  ? -17.075 2.226   -2.168  1.00 36.82 ? 4  ASP A CG  1 
ATOM   24  O OD1 . ASP A 1 4  ? -16.361 1.353   -1.627  1.00 39.95 ? 4  ASP A OD1 1 
ATOM   25  O OD2 . ASP A 1 4  ? -17.786 2.010   -3.171  1.00 42.58 ? 4  ASP A OD2 1 
ATOM   26  N N   . GLU A 1 5  ? -14.885 5.149   -3.250  1.00 18.59 ? 5  GLU A N   1 
ATOM   27  C CA  . GLU A 1 5  ? -13.979 5.226   -4.392  1.00 17.06 ? 5  GLU A CA  1 
ATOM   28  C C   . GLU A 1 5  ? -12.534 5.507   -3.972  1.00 18.82 ? 5  GLU A C   1 
ATOM   29  O O   . GLU A 1 5  ? -11.596 4.916   -4.509  1.00 17.96 ? 5  GLU A O   1 
ATOM   30  C CB  . GLU A 1 5  ? -14.493 6.249   -5.399  1.00 18.79 ? 5  GLU A CB  1 
ATOM   31  C CG  . GLU A 1 5  ? -15.829 5.818   -6.008  1.00 20.84 ? 5  GLU A CG  1 
ATOM   32  C CD  . GLU A 1 5  ? -15.808 4.521   -6.793  1.00 21.58 ? 5  GLU A CD  1 
ATOM   33  O OE1 . GLU A 1 5  ? -14.799 4.275   -7.481  1.00 23.82 ? 5  GLU A OE1 1 
ATOM   34  O OE2 . GLU A 1 5  ? -16.745 3.707   -6.635  1.00 25.57 ? 5  GLU A OE2 1 
ATOM   35  N N   . LEU A 1 6  ? -12.336 6.335   -2.941  1.00 19.20 ? 6  LEU A N   1 
ATOM   36  C CA  . LEU A 1 6  ? -10.988 6.599   -2.442  1.00 19.60 ? 6  LEU A CA  1 
ATOM   37  C C   . LEU A 1 6  ? -10.420 5.340   -1.775  1.00 18.42 ? 6  LEU A C   1 
ATOM   38  O O   . LEU A 1 6  ? -9.270  4.995   -1.996  1.00 16.52 ? 6  LEU A O   1 
ATOM   39  C CB  . LEU A 1 6  ? -11.003 7.761   -1.436  1.00 22.25 ? 6  LEU A CB  1 
ATOM   40  C CG  . LEU A 1 6  ? -9.651  8.335   -0.959  1.00 28.88 ? 6  LEU A CG  1 
ATOM   41  C CD1 . LEU A 1 6  ? -8.585  8.348   -2.061  1.00 29.67 ? 6  LEU A CD1 1 
ATOM   42  C CD2 . LEU A 1 6  ? -9.851  9.759   -0.581  1.00 36.95 ? 6  LEU A CD2 1 
ATOM   43  N N   . TYR A 1 7  ? -11.256 4.615   -1.023  1.00 17.30 ? 7  TYR A N   1 
ATOM   44  C CA  . TYR A 1 7  ? -10.834 3.387   -0.354  1.00 17.37 ? 7  TYR A CA  1 
ATOM   45  C C   . TYR A 1 7  ? -10.327 2.393   -1.389  1.00 17.72 ? 7  TYR A C   1 
ATOM   46  O O   . TYR A 1 7  ? -9.276  1.779   -1.193  1.00 16.67 ? 7  TYR A O   1 
ATOM   47  C CB  . TYR A 1 7  ? -12.037 2.840   0.412   1.00 18.67 ? 7  TYR A CB  1 
ATOM   48  C CG  . TYR A 1 7  ? -11.810 1.521   1.107   1.00 19.31 ? 7  TYR A CG  1 
ATOM   49  C CD1 . TYR A 1 7  ? -11.348 1.476   2.418   1.00 19.64 ? 7  TYR A CD1 1 
ATOM   50  C CD2 . TYR A 1 7  ? -12.171 0.320   0.499   1.00 22.51 ? 7  TYR A CD2 1 
ATOM   51  C CE1 . TYR A 1 7  ? -11.185 0.265   3.085   1.00 21.11 ? 7  TYR A CE1 1 
ATOM   52  C CE2 . TYR A 1 7  ? -12.033 -0.897  1.168   1.00 23.67 ? 7  TYR A CE2 1 
ATOM   53  C CZ  . TYR A 1 7  ? -11.561 -0.912  2.467   1.00 23.97 ? 7  TYR A CZ  1 
ATOM   54  O OH  . TYR A 1 7  ? -11.413 -2.099  3.137   1.00 27.26 ? 7  TYR A OH  1 
ATOM   55  N N   . LYS A 1 8  ? -11.058 2.230   -2.502  1.00 15.22 ? 8  LYS A N   1 
ATOM   56  C CA  . LYS A 1 8  ? -10.644 1.306   -3.539  1.00 15.24 ? 8  LYS A CA  1 
ATOM   57  C C   . LYS A 1 8  ? -9.381  1.772   -4.201  1.00 14.63 ? 8  LYS A C   1 
ATOM   58  O O   . LYS A 1 8  ? -8.538  0.925   -4.507  1.00 14.34 ? 8  LYS A O   1 
ATOM   59  C CB  . LYS A 1 8  ? -11.752 1.164   -4.574  1.00 16.98 ? 8  LYS A CB  1 
ATOM   60  C CG  . LYS A 1 8  ? -12.949 0.390   -4.041  1.00 18.70 ? 8  LYS A CG  1 
ATOM   61  C CD  . LYS A 1 8  ? -13.978 0.121   -5.127  1.00 21.85 ? 8  LYS A CD  1 
ATOM   62  C CE  . LYS A 1 8  ? -14.645 1.386   -5.550  1.00 22.20 ? 8  LYS A CE  1 
ATOM   63  N NZ  . LYS A 1 8  ? -15.775 1.101   -6.486  1.00 23.00 ? 8  LYS A NZ  1 
ATOM   64  N N   . GLU A 1 9  ? -9.224  3.049   -4.475  1.00 13.92 ? 9  GLU A N   1 
ATOM   65  C CA  . GLU A 1 9  ? -7.998  3.517   -5.120  1.00 14.68 ? 9  GLU A CA  1 
ATOM   66  C C   . GLU A 1 9  ? -6.794  3.314   -4.219  1.00 15.09 ? 9  GLU A C   1 
ATOM   67  O O   . GLU A 1 9  ? -5.743  2.866   -4.669  1.00 15.38 ? 9  GLU A O   1 
ATOM   68  C CB  . GLU A 1 9  ? -8.106  4.987   -5.501  1.00 17.30 ? 9  GLU A CB  1 
ATOM   69  C CG  . GLU A 1 9  ? -7.362  5.305   -6.779  1.00 28.83 ? 9  GLU A CG  1 
ATOM   70  C CD  . GLU A 1 9  ? -7.762  4.557   -8.044  1.00 23.54 ? 9  GLU A CD  1 
ATOM   71  O OE1 . GLU A 1 9  ? -8.904  4.045   -8.157  1.00 27.63 ? 9  GLU A OE1 1 
ATOM   72  O OE2 . GLU A 1 9  ? -6.891  4.458   -8.930  1.00 26.81 ? 9  GLU A OE2 1 
ATOM   73  N N   . LEU A 1 10 ? -6.956  3.573   -2.948  1.00 14.02 ? 10 LEU A N   1 
ATOM   74  C CA  . LEU A 1 10 ? -5.846  3.330   -2.026  1.00 14.74 ? 10 LEU A CA  1 
ATOM   75  C C   . LEU A 1 10 ? -5.539  1.837   -1.941  1.00 14.96 ? 10 LEU A C   1 
ATOM   76  O O   . LEU A 1 10 ? -4.377  1.493   -1.788  1.00 14.27 ? 10 LEU A O   1 
ATOM   77  C CB  . LEU A 1 10 ? -6.181  3.889   -0.670  1.00 15.76 ? 10 LEU A CB  1 
ATOM   78  C CG  . LEU A 1 10 ? -6.324  5.431   -0.595  1.00 19.23 ? 10 LEU A CG  1 
ATOM   79  C CD1 . LEU A 1 10 ? -6.400  5.846   0.830   1.00 21.84 ? 10 LEU A CD1 1 
ATOM   80  C CD2 . LEU A 1 10 ? -5.126  6.155   -1.252  1.00 19.82 ? 10 LEU A CD2 1 
ATOM   81  N N   . GLU A 1 11 ? -6.554  0.960   -2.040  1.00 13.59 ? 11 GLU A N   1 
ATOM   82  C CA  . GLU A 1 11 ? -6.305  -0.476  -2.025  1.00 13.63 ? 11 GLU A CA  1 
ATOM   83  C C   . GLU A 1 11 ? -5.493  -0.843  -3.252  1.00 14.62 ? 11 GLU A C   1 
ATOM   84  O O   . GLU A 1 11 ? -4.565  -1.657  -3.159  1.00 14.26 ? 11 GLU A O   1 
ATOM   85  C CB  . GLU A 1 11 ? -7.657  -1.199  -2.044  1.00 16.05 ? 11 GLU A CB  1 
ATOM   86  C CG  . GLU A 1 11 ? -7.594  -2.710  -1.866  1.00 20.71 ? 11 GLU A CG  1 
ATOM   87  C CD  . GLU A 1 11 ? -8.930  -3.411  -2.058  1.00 22.35 ? 11 GLU A CD  1 
ATOM   88  O OE1 . GLU A 1 11 ? -9.955  -2.734  -2.309  1.00 27.08 ? 11 GLU A OE1 1 
ATOM   89  O OE2 . GLU A 1 11 ? -8.967  -4.632  -1.793  1.00 34.69 ? 11 GLU A OE2 1 
ATOM   90  N N   . ASP A 1 12 ? -5.785  -0.234  -4.419  1.00 13.09 ? 12 ASP A N   1 
ATOM   91  C CA  . ASP A 1 12 ? -5.002  -0.559  -5.604  1.00 13.38 ? 12 ASP A CA  1 
ATOM   92  C C   . ASP A 1 12 ? -3.544  -0.171  -5.402  1.00 13.09 ? 12 ASP A C   1 
ATOM   93  O O   . ASP A 1 12 ? -2.645  -0.909  -5.800  1.00 14.15 ? 12 ASP A O   1 
ATOM   94  C CB  . ASP A 1 12 ? -5.530  0.193   -6.835  1.00 14.40 ? 12 ASP A CB  1 
ATOM   95  C CG  . ASP A 1 12 ? -6.788  -0.360  -7.445  1.00 17.82 ? 12 ASP A CG  1 
ATOM   96  O OD1 . ASP A 1 12 ? -7.401  -1.244  -6.823  1.00 18.28 ? 12 ASP A OD1 1 
ATOM   97  O OD2 . ASP A 1 12 ? -7.131  0.071   -8.576  1.00 19.35 ? 12 ASP A OD2 1 
ATOM   98  N N   . LEU A 1 13 ? -3.299  1.010   -4.820  1.00 12.63 ? 13 LEU A N   1 
ATOM   99  C CA  . LEU A 1 13 ? -1.917  1.458   -4.598  1.00 13.41 ? 13 LEU A CA  1 
ATOM   100 C C   . LEU A 1 13 ? -1.228  0.541   -3.599  1.00 12.75 ? 13 LEU A C   1 
ATOM   101 O O   . LEU A 1 13 ? -0.078  0.184   -3.816  1.00 13.01 ? 13 LEU A O   1 
ATOM   102 C CB  . LEU A 1 13 ? -1.896  2.904   -4.082  1.00 13.57 ? 13 LEU A CB  1 
ATOM   103 C CG  . LEU A 1 13 ? -2.572  3.943   -4.986  1.00 16.04 ? 13 LEU A CG  1 
ATOM   104 C CD1 . LEU A 1 13 ? -2.419  5.327   -4.405  1.00 18.65 ? 13 LEU A CD1 1 
ATOM   105 C CD2 . LEU A 1 13 ? -2.040  3.915   -6.436  1.00 20.32 ? 13 LEU A CD2 1 
ATOM   106 N N   . GLN A 1 14 ? -1.940  0.124   -2.560  1.00 12.35 ? 14 GLN A N   1 
ATOM   107 C CA  . GLN A 1 14 ? -1.386  -0.798  -1.584  1.00 13.34 ? 14 GLN A CA  1 
ATOM   108 C C   . GLN A 1 14 ? -0.975  -2.104  -2.240  1.00 12.37 ? 14 GLN A C   1 
ATOM   109 O O   . GLN A 1 14 ? 0.117   -2.627  -1.993  1.00 12.77 ? 14 GLN A O   1 
ATOM   110 C CB  . GLN A 1 14 ? -2.444  -1.030  -0.517  1.00 14.09 ? 14 GLN A CB  1 
ATOM   111 C CG  . GLN A 1 14 ? -1.961  -1.832  0.659   1.00 15.36 ? 14 GLN A CG  1 
ATOM   112 C CD  . GLN A 1 14 ? -3.090  -2.164  1.569   1.00 17.42 ? 14 GLN A CD  1 
ATOM   113 O OE1 . GLN A 1 14 ? -3.941  -1.324  1.856   1.00 18.32 ? 14 GLN A OE1 1 
ATOM   114 N NE2 . GLN A 1 14 ? -3.035  -3.344  2.136   1.00 18.39 ? 14 GLN A NE2 1 
ATOM   115 N N   . GLU A 1 15 ? -1.809  -2.610  -3.137  1.00 12.03 ? 15 GLU A N   1 
ATOM   116 C CA  . GLU A 1 15 ? -1.547  -3.843  -3.841  1.00 12.87 ? 15 GLU A CA  1 
ATOM   117 C C   . GLU A 1 15 ? -0.395  -3.685  -4.796  1.00 12.58 ? 15 GLU A C   1 
ATOM   118 O O   . GLU A 1 15 ? 0.374   -4.625  -4.960  1.00 13.89 ? 15 GLU A O   1 
ATOM   119 C CB  . GLU A 1 15 ? -2.817  -4.363  -4.538  1.00 14.72 ? 15 GLU A CB  1 
ATOM   120 C CG  . GLU A 1 15 ? -3.819  -4.842  -3.490  1.00 20.31 ? 15 GLU A CG  1 
ATOM   121 C CD  . GLU A 1 15 ? -3.261  -5.847  -2.479  1.00 28.37 ? 15 GLU A CD  1 
ATOM   122 O OE1 . GLU A 1 15 ? -3.111  -5.544  -1.263  1.00 24.49 ? 15 GLU A OE1 1 
ATOM   123 O OE2 . GLU A 1 15 ? -2.872  -6.924  -2.967  1.00 21.57 ? 15 GLU A OE2 1 
ATOM   124 N N   . ARG A 1 16 ? -0.231  -2.516  -5.414  1.00 12.66 ? 16 ARG A N   1 
ATOM   125 C CA  . ARG A 1 16 ? 0.916   -2.267  -6.295  1.00 13.44 ? 16 ARG A CA  1 
ATOM   126 C C   . ARG A 1 16 ? 2.227   -2.344  -5.462  1.00 12.72 ? 16 ARG A C   1 
ATOM   127 O O   . ARG A 1 16 ? 3.211   -2.927  -5.913  1.00 14.26 ? 16 ARG A O   1 
ATOM   128 C CB  . ARG A 1 16 ? 0.826   -0.889  -6.983  1.00 14.59 ? 16 ARG A CB  1 
ATOM   129 C CG  . ARG A 1 16 ? -0.423  -0.698  -7.852  1.00 20.26 ? 16 ARG A CG  1 
ATOM   130 C CD  . ARG A 1 16 ? -0.183  -0.936  -9.315  1.00 19.90 ? 16 ARG A CD  1 
ATOM   131 N NE  . ARG A 1 16 ? 0.897   -0.103  -9.872  1.00 17.38 ? 16 ARG A NE  1 
ATOM   132 C CZ  . ARG A 1 16 ? 0.736   1.088   -10.425 1.00 19.28 ? 16 ARG A CZ  1 
ATOM   133 N NH1 . ARG A 1 16 ? -0.465  1.651   -10.479 1.00 17.97 ? 16 ARG A NH1 1 
ATOM   134 N NH2 . ARG A 1 16 ? 1.778   1.736   -10.928 1.00 21.62 ? 16 ARG A NH2 1 
ATOM   135 N N   . LEU A 1 17 ? 2.216   -1.784  -4.244  1.00 11.68 ? 17 LEU A N   1 
ATOM   136 C CA  . LEU A 1 17 ? 3.399   -1.842  -3.399  1.00 12.00 ? 17 LEU A CA  1 
ATOM   137 C C   . LEU A 1 17 ? 3.664   -3.283  -2.960  1.00 12.67 ? 17 LEU A C   1 
ATOM   138 O O   . LEU A 1 17 ? 4.832   -3.705  -2.917  1.00 13.54 ? 17 LEU A O   1 
ATOM   139 C CB  . LEU A 1 17 ? 3.216   -0.923  -2.210  1.00 12.64 ? 17 LEU A CB  1 
ATOM   140 C CG  . LEU A 1 17 ? 3.249   0.545   -2.586  1.00 13.07 ? 17 LEU A CG  1 
ATOM   141 C CD1 . LEU A 1 17 ? 2.702   1.375   -1.455  1.00 14.42 ? 17 LEU A CD1 1 
ATOM   142 C CD2 . LEU A 1 17 ? 4.696   1.022   -2.854  1.00 15.73 ? 17 LEU A CD2 1 
ATOM   143 N N   . ARG A 1 18 ? 2.620   -4.052  -2.660  1.00 12.64 ? 18 ARG A N   1 
ATOM   144 C CA  . ARG A 1 18 ? 2.779   -5.453  -2.307  1.00 12.52 ? 18 ARG A CA  1 
ATOM   145 C C   . ARG A 1 18 ? 3.453   -6.219  -3.441  1.00 14.31 ? 18 ARG A C   1 
ATOM   146 O O   . ARG A 1 18 ? 4.372   -7.021  -3.216  1.00 14.85 ? 18 ARG A O   1 
ATOM   147 C CB  . ARG A 1 18 ? 1.391   -6.009  -2.048  1.00 13.13 ? 18 ARG A CB  1 
ATOM   148 C CG  . ARG A 1 18 ? 1.387   -7.492  -1.721  1.00 16.45 ? 18 ARG A CG  1 
ATOM   149 C CD  . ARG A 1 18 ? -0.043  -7.953  -1.687  1.00 17.35 ? 18 ARG A CD  1 
ATOM   150 N NE  . ARG A 1 18 ? -0.136  -9.367  -1.390  1.00 16.06 ? 18 ARG A NE  1 
ATOM   151 C CZ  . ARG A 1 18 ? -1.181  -10.120 -1.666  1.00 16.73 ? 18 ARG A CZ  1 
ATOM   152 N NH1 . ARG A 1 18 ? -2.236  -9.609  -2.287  1.00 18.17 ? 18 ARG A NH1 1 
ATOM   153 N NH2 . ARG A 1 18 ? -1.187  -11.392 -1.326  1.00 17.08 ? 18 ARG A NH2 1 
ATOM   154 N N   . LYS A 1 19 ? 3.035   -5.929  -4.680  1.00 14.78 ? 19 LYS A N   1 
ATOM   155 C CA  . LYS A 1 19 ? 3.612   -6.616  -5.824  1.00 16.01 ? 19 LYS A CA  1 
ATOM   156 C C   . LYS A 1 19 ? 5.033   -6.151  -6.118  1.00 16.56 ? 19 LYS A C   1 
ATOM   157 O O   . LYS A 1 19 ? 5.870   -6.962  -6.520  1.00 17.71 ? 19 LYS A O   1 
ATOM   158 C CB  . LYS A 1 19 ? 2.711   -6.399  -7.030  1.00 18.17 ? 19 LYS A CB  1 
ATOM   159 C CG  . LYS A 1 19 ? 1.468   -7.249  -6.943  1.00 30.29 ? 19 LYS A CG  1 
ATOM   160 C CD  . LYS A 1 19 ? 0.687   -7.159  -8.217  1.00 39.43 ? 19 LYS A CD  1 
ATOM   161 C CE  . LYS A 1 19 ? -0.634  -6.550  -7.895  1.00 42.90 ? 19 LYS A CE  1 
ATOM   162 N NZ  . LYS A 1 19 ? -1.741  -7.508  -8.086  1.00 34.66 ? 19 LYS A NZ  1 
ATOM   163 N N   . LEU A 1 20 ? 5.342   -4.874  -5.872  1.00 15.35 ? 20 LEU A N   1 
ATOM   164 C CA  . LEU A 1 20 ? 6.713   -4.382  -6.070  1.00 16.87 ? 20 LEU A CA  1 
ATOM   165 C C   . LEU A 1 20 ? 7.660   -5.079  -5.097  1.00 17.95 ? 20 LEU A C   1 
ATOM   166 O O   . LEU A 1 20 ? 8.781   -5.425  -5.469  1.00 17.80 ? 20 LEU A O   1 
ATOM   167 C CB  . LEU A 1 20 ? 6.826   -2.864  -5.838  1.00 17.61 ? 20 LEU A CB  1 
ATOM   168 C CG  . LEU A 1 20 ? 6.491   -1.974  -6.969  1.00 23.68 ? 20 LEU A CG  1 
ATOM   169 C CD1 . LEU A 1 20 ? 6.513   -0.483  -6.503  1.00 22.92 ? 20 LEU A CD1 1 
ATOM   170 C CD2 . LEU A 1 20 ? 7.483   -2.193  -8.153  1.00 27.24 ? 20 LEU A CD2 1 
ATOM   171 N N   . ARG A 1 21 ? 7.221   -5.287  -3.831  1.00 15.24 ? 21 ARG A N   1 
ATOM   172 C CA  . ARG A 1 21 ? 8.010   -5.988  -2.843  1.00 14.48 ? 21 ARG A CA  1 
ATOM   173 C C   . ARG A 1 21 ? 8.316   -7.407  -3.358  1.00 17.28 ? 21 ARG A C   1 
ATOM   174 O O   . ARG A 1 21 ? 9.457   -7.874  -3.276  1.00 18.68 ? 21 ARG A O   1 
ATOM   175 C CB  . ARG A 1 21 ? 7.230   -6.035  -1.536  1.00 15.18 ? 21 ARG A CB  1 
ATOM   176 C CG  . ARG A 1 21 ? 7.287   -4.705  -0.793  1.00 16.55 ? 21 ARG A CG  1 
ATOM   177 C CD  . ARG A 1 21 ? 6.370   -4.696  0.437   1.00 17.36 ? 21 ARG A CD  1 
ATOM   178 N NE  . ARG A 1 21 ? 6.763   -5.796  1.315   1.00 15.79 ? 21 ARG A NE  1 
ATOM   179 C CZ  . ARG A 1 21 ? 5.949   -6.648  1.918   1.00 17.81 ? 21 ARG A CZ  1 
ATOM   180 N NH1 . ARG A 1 21 ? 4.636   -6.454  1.891   1.00 18.11 ? 21 ARG A NH1 1 
ATOM   181 N NH2 . ARG A 1 21 ? 6.447   -7.682  2.584   1.00 18.35 ? 21 ARG A NH2 1 
ATOM   182 N N   . LYS A 1 22 ? 7.292   -8.080  -3.942  1.00 16.79 ? 22 LYS A N   1 
ATOM   183 C CA  . LYS A 1 22 ? 7.480   -9.433  -4.480  1.00 18.45 ? 22 LYS A CA  1 
ATOM   184 C C   . LYS A 1 22 ? 8.519   -9.393  -5.608  1.00 20.70 ? 22 LYS A C   1 
ATOM   185 O O   . LYS A 1 22 ? 9.410   -10.250 -5.618  1.00 21.98 ? 22 LYS A O   1 
ATOM   186 C CB  . LYS A 1 22 ? 6.140   -9.954  -4.985  1.00 20.63 ? 22 LYS A CB  1 
ATOM   187 C CG  . LYS A 1 22 ? 5.233   -10.406 -3.852  1.00 31.25 ? 22 LYS A CG  1 
ATOM   188 C CD  . LYS A 1 22 ? 3.854   -10.764 -4.359  1.00 36.42 ? 22 LYS A CD  1 
ATOM   189 C CE  . LYS A 1 22 ? 2.934   -11.177 -3.240  1.00 38.85 ? 22 LYS A CE  1 
ATOM   190 N NZ  . LYS A 1 22 ? 3.255   -12.539 -2.732  1.00 35.86 ? 22 LYS A NZ  1 
ATOM   191 N N   . LYS A 1 23 ? 8.455   -8.367  -6.498  1.00 18.99 ? 23 LYS A N   1 
ATOM   192 C CA  . LYS A 1 23 ? 9.402   -8.253  -7.621  1.00 20.30 ? 23 LYS A CA  1 
ATOM   193 C C   . LYS A 1 23 ? 10.824  -8.043  -7.114  1.00 24.10 ? 23 LYS A C   1 
ATOM   194 O O   . LYS A 1 23 ? 11.760  -8.618  -7.684  1.00 25.44 ? 23 LYS A O   1 
ATOM   195 C CB  . LYS A 1 23 ? 8.982   -7.157  -8.602  1.00 23.01 ? 23 LYS A CB  1 
ATOM   196 C CG  . LYS A 1 23 ? 7.737   -7.555  -9.392  1.00 29.16 ? 23 LYS A CG  1 
ATOM   197 C CD  . LYS A 1 23 ? 7.242   -6.469  -10.351 1.00 42.19 ? 23 LYS A CD  1 
ATOM   198 C CE  . LYS A 1 23 ? 6.303   -5.479  -9.700  1.00 52.91 ? 23 LYS A CE  1 
ATOM   199 N NZ  . LYS A 1 23 ? 5.693   -4.554  -10.690 1.00 61.69 ? 23 LYS A NZ  1 
ATOM   200 N N   . LEU A 1 24 ? 10.994  -7.295  -6.007  1.00 22.23 ? 24 LEU A N   1 
ATOM   201 C CA  . LEU A 1 24 ? 12.306  -7.066  -5.399  1.00 24.76 ? 24 LEU A CA  1 
ATOM   202 C C   . LEU A 1 24 ? 12.916  -8.332  -4.865  1.00 31.32 ? 24 LEU A C   1 
ATOM   203 O O   . LEU A 1 24 ? 14.146  -8.467  -4.861  1.00 31.43 ? 24 LEU A O   1 
ATOM   204 C CB  . LEU A 1 24 ? 12.201  -6.032  -4.285  1.00 24.47 ? 24 LEU A CB  1 
ATOM   205 C CG  . LEU A 1 24 ? 12.089  -4.606  -4.746  1.00 27.73 ? 24 LEU A CG  1 
ATOM   206 C CD1 . LEU A 1 24 ? 11.938  -3.685  -3.554  1.00 27.51 ? 24 LEU A CD1 1 
ATOM   207 C CD2 . LEU A 1 24 ? 13.317  -4.177  -5.575  1.00 28.68 ? 24 LEU A CD2 1 
ATOM   208 N N   . ARG A 1 25 ? 12.069  -9.266  -4.416  1.00 28.78 ? 25 ARG A N   1 
ATOM   209 C CA  . ARG A 1 25 ? 12.527  -10.558 -3.898  1.00 30.13 ? 25 ARG A CA  1 
ATOM   210 C C   . ARG A 1 25 ? 12.826  -11.529 -5.023  1.00 34.95 ? 25 ARG A C   1 
ATOM   211 O O   . ARG A 1 25 ? 13.740  -12.347 -4.882  1.00 37.62 ? 25 ARG A O   1 
ATOM   212 C CB  . ARG A 1 25 ? 11.480  -11.152 -2.954  1.00 29.26 ? 25 ARG A CB  1 
ATOM   213 C CG  . ARG A 1 25 ? 11.461  -10.445 -1.626  1.00 26.72 ? 25 ARG A CG  1 
ATOM   214 C CD  . ARG A 1 25 ? 10.705  -11.262 -0.598  1.00 25.58 ? 25 ARG A CD  1 
ATOM   215 N NE  . ARG A 1 25 ? 10.555  -10.529 0.659   1.00 25.57 ? 25 ARG A NE  1 
ATOM   216 C CZ  . ARG A 1 25 ? 11.422  -10.552 1.668   1.00 27.50 ? 25 ARG A CZ  1 
ATOM   217 N NH1 . ARG A 1 25 ? 12.520  -11.296 1.592   1.00 31.19 ? 25 ARG A NH1 1 
ATOM   218 N NH2 . ARG A 1 25 ? 11.192  -9.837  2.762   1.00 26.03 ? 25 ARG A NH2 1 
ATOM   219 N N   . SER A 1 26 ? 12.054  -11.455 -6.129  0.50 25.11 ? 26 SER A N   1 
ATOM   220 C CA  . SER A 1 26 ? 12.187  -12.305 -7.312  0.50 41.09 ? 26 SER A CA  1 
ATOM   221 C C   . SER A 1 26 ? 13.503  -12.037 -8.034  0.50 74.64 ? 26 SER A C   1 
ATOM   222 O O   . SER A 1 26 ? 14.473  -12.759 -7.826  0.50 39.34 ? 26 SER A O   1 
ATOM   223 C CB  . SER A 1 26 ? 11.020  -12.074 -8.268  0.50 44.04 ? 26 SER A CB  1 
ATOM   224 O OG  . SER A 1 26 ? 9.774   -12.357 -7.652  0.50 52.17 ? 26 SER A OG  1 
ATOM   225 N N   . ASN B 1 2  ? 19.535  0.714   -1.948  1.00 31.04 ? 2  ASN B N   1 
ATOM   226 C CA  . ASN B 1 2  ? 19.734  -0.733  -1.875  1.00 31.14 ? 2  ASN B CA  1 
ATOM   227 C C   . ASN B 1 2  ? 18.405  -1.431  -1.835  1.00 31.29 ? 2  ASN B C   1 
ATOM   228 O O   . ASN B 1 2  ? 17.469  -0.881  -1.276  1.00 26.70 ? 2  ASN B O   1 
ATOM   229 C CB  . ASN B 1 2  ? 20.552  -1.096  -0.640  1.00 29.80 ? 2  ASN B CB  1 
ATOM   230 C CG  . ASN B 1 2  ? 21.938  -0.546  -0.701  1.00 35.10 ? 2  ASN B CG  1 
ATOM   231 O OD1 . ASN B 1 2  ? 22.458  -0.285  -1.783  1.00 33.52 ? 2  ASN B OD1 1 
ATOM   232 N ND2 . ASN B 1 2  ? 22.570  -0.354  0.449   1.00 37.31 ? 2  ASN B ND2 1 
ATOM   233 N N   . ALA B 1 3  ? 18.321  -2.655  -2.381  1.00 30.43 ? 3  ALA B N   1 
ATOM   234 C CA  . ALA B 1 3  ? 17.090  -3.437  -2.432  1.00 29.37 ? 3  ALA B CA  1 
ATOM   235 C C   . ALA B 1 3  ? 16.447  -3.599  -1.060  1.00 29.52 ? 3  ALA B C   1 
ATOM   236 O O   . ALA B 1 3  ? 15.239  -3.417  -0.969  1.00 27.42 ? 3  ALA B O   1 
ATOM   237 C CB  . ALA B 1 3  ? 17.346  -4.794  -3.070  1.00 31.71 ? 3  ALA B CB  1 
ATOM   238 N N   . ASP B 1 4  ? 17.236  -3.843  0.016   1.00 27.43 ? 4  ASP B N   1 
ATOM   239 C CA  . ASP B 1 4  ? 16.625  -3.998  1.346   1.00 27.04 ? 4  ASP B CA  1 
ATOM   240 C C   . ASP B 1 4  ? 16.044  -2.689  1.926   1.00 26.97 ? 4  ASP B C   1 
ATOM   241 O O   . ASP B 1 4  ? 14.948  -2.728  2.504   1.00 24.57 ? 4  ASP B O   1 
ATOM   242 C CB  . ASP B 1 4  ? 17.537  -4.734  2.337   1.00 30.01 ? 4  ASP B CB  1 
ATOM   243 C CG  . ASP B 1 4  ? 18.880  -4.095  2.627   1.00 39.87 ? 4  ASP B CG  1 
ATOM   244 O OD1 . ASP B 1 4  ? 19.213  -3.076  1.975   1.00 38.09 ? 4  ASP B OD1 1 
ATOM   245 O OD2 . ASP B 1 4  ? 19.653  -4.684  3.410   1.00 47.95 ? 4  ASP B OD2 1 
ATOM   246 N N   . GLU B 1 5  ? 16.725  -1.534  1.738   1.00 24.65 ? 5  GLU B N   1 
ATOM   247 C CA  . GLU B 1 5  ? 16.264  -0.200  2.204   1.00 24.04 ? 5  GLU B CA  1 
ATOM   248 C C   . GLU B 1 5  ? 15.000  0.167   1.440   1.00 21.88 ? 5  GLU B C   1 
ATOM   249 O O   . GLU B 1 5  ? 13.995  0.634   1.996   1.00 19.16 ? 5  GLU B O   1 
ATOM   250 C CB  . GLU B 1 5  ? 17.312  0.875   1.886   1.00 26.73 ? 5  GLU B CB  1 
ATOM   251 N N   . LEU B 1 6  ? 15.036  -0.052  0.142   1.00 20.52 ? 6  LEU B N   1 
ATOM   252 C CA  . LEU B 1 6  ? 13.913  0.230   -0.702  1.00 19.74 ? 6  LEU B CA  1 
ATOM   253 C C   . LEU B 1 6  ? 12.718  -0.654  -0.297  1.00 19.31 ? 6  LEU B C   1 
ATOM   254 O O   . LEU B 1 6  ? 11.607  -0.163  -0.195  1.00 17.21 ? 6  LEU B O   1 
ATOM   255 C CB  . LEU B 1 6  ? 14.344  -0.021  -2.126  1.00 23.31 ? 6  LEU B CB  1 
ATOM   256 C CG  . LEU B 1 6  ? 13.296  -0.199  -3.136  1.00 29.69 ? 6  LEU B CG  1 
ATOM   257 C CD1 . LEU B 1 6  ? 12.583  1.112   -3.467  1.00 30.84 ? 6  LEU B CD1 1 
ATOM   258 C CD2 . LEU B 1 6  ? 13.918  -0.842  -4.291  1.00 36.41 ? 6  LEU B CD2 1 
ATOM   259 N N   . TYR B 1 7  ? 12.959  -1.949  -0.066  1.00 18.00 ? 7  TYR B N   1 
ATOM   260 C CA  . TYR B 1 7  ? 11.930  -2.886  0.321   1.00 17.07 ? 7  TYR B CA  1 
ATOM   261 C C   . TYR B 1 7  ? 11.250  -2.423  1.618   1.00 16.55 ? 7  TYR B C   1 
ATOM   262 O O   . TYR B 1 7  ? 10.025  -2.374  1.691   1.00 15.82 ? 7  TYR B O   1 
ATOM   263 C CB  . TYR B 1 7  ? 12.562  -4.251  0.523   1.00 20.15 ? 7  TYR B CB  1 
ATOM   264 C CG  . TYR B 1 7  ? 11.561  -5.352  0.771   1.00 19.26 ? 7  TYR B CG  1 
ATOM   265 C CD1 . TYR B 1 7  ? 11.023  -5.561  2.043   1.00 19.64 ? 7  TYR B CD1 1 
ATOM   266 C CD2 . TYR B 1 7  ? 11.157  -6.198  -0.258  1.00 20.29 ? 7  TYR B CD2 1 
ATOM   267 C CE1 . TYR B 1 7  ? 10.115  -6.587  2.279   1.00 20.12 ? 7  TYR B CE1 1 
ATOM   268 C CE2 . TYR B 1 7  ? 10.255  -7.227  -0.034  1.00 20.52 ? 7  TYR B CE2 1 
ATOM   269 C CZ  . TYR B 1 7  ? 9.735   -7.417  1.233   1.00 21.04 ? 7  TYR B CZ  1 
ATOM   270 O OH  . TYR B 1 7  ? 8.900   -8.478  1.451   1.00 22.24 ? 7  TYR B OH  1 
ATOM   271 N N   . LYS B 1 8  ? 12.053  -2.050  2.616   1.00 16.22 ? 8  LYS B N   1 
ATOM   272 C CA  . LYS B 1 8  ? 11.503  -1.609  3.912   1.00 16.60 ? 8  LYS B CA  1 
ATOM   273 C C   . LYS B 1 8  ? 10.636  -0.359  3.753   1.00 15.01 ? 8  LYS B C   1 
ATOM   274 O O   . LYS B 1 8  ? 9.574   -0.233  4.386   1.00 14.25 ? 8  LYS B O   1 
ATOM   275 C CB  . LYS B 1 8  ? 12.649  -1.319  4.877   1.00 20.29 ? 8  LYS B CB  1 
ATOM   276 C CG  . LYS B 1 8  ? 12.240  -0.758  6.241   1.00 35.06 ? 8  LYS B CG  1 
ATOM   277 C CD  . LYS B 1 8  ? 13.331  0.144   6.869   1.00 50.47 ? 8  LYS B CD  1 
ATOM   278 C CE  . LYS B 1 8  ? 13.487  1.508   6.211   1.00 62.15 ? 8  LYS B CE  1 
ATOM   279 N NZ  . LYS B 1 8  ? 12.293  2.380   6.398   1.00 68.80 ? 8  LYS B NZ  1 
ATOM   280 N N   . GLU B 1 9  ? 11.083  0.561   2.907   1.00 14.66 ? 9  GLU B N   1 
ATOM   281 C CA  . GLU B 1 9  ? 10.296  1.756   2.674   1.00 14.70 ? 9  GLU B CA  1 
ATOM   282 C C   . GLU B 1 9  ? 8.970   1.405   1.976   1.00 14.71 ? 9  GLU B C   1 
ATOM   283 O O   . GLU B 1 9  ? 7.924   1.934   2.353   1.00 13.89 ? 9  GLU B O   1 
ATOM   284 C CB  . GLU B 1 9  ? 11.094  2.724   1.814   1.00 16.80 ? 9  GLU B CB  1 
ATOM   285 C CG  . GLU B 1 9  ? 10.368  4.004   1.522   1.00 24.85 ? 9  GLU B CG  1 
ATOM   286 C CD  . GLU B 1 9  ? 10.333  5.046   2.613   1.00 31.69 ? 9  GLU B CD  1 
ATOM   287 O OE1 . GLU B 1 9  ? 10.596  4.721   3.795   1.00 29.63 ? 9  GLU B OE1 1 
ATOM   288 O OE2 . GLU B 1 9  ? 9.933   6.183   2.286   1.00 30.58 ? 9  GLU B OE2 1 
ATOM   289 N N   . LEU B 1 10 ? 8.999   0.522   0.982   1.00 14.22 ? 10 LEU B N   1 
ATOM   290 C CA  . LEU B 1 10 ? 7.777   0.133   0.276   1.00 13.97 ? 10 LEU B CA  1 
ATOM   291 C C   . LEU B 1 10 ? 6.817   -0.507  1.210   1.00 13.04 ? 10 LEU B C   1 
ATOM   292 O O   . LEU B 1 10 ? 5.617   -0.227  1.125   1.00 13.48 ? 10 LEU B O   1 
ATOM   293 C CB  . LEU B 1 10 ? 8.080   -0.860  -0.842  1.00 16.02 ? 10 LEU B CB  1 
ATOM   294 C CG  . LEU B 1 10 ? 8.937   -0.342  -1.982  1.00 19.73 ? 10 LEU B CG  1 
ATOM   295 C CD1 . LEU B 1 10 ? 9.064   -1.402  -3.069  1.00 22.21 ? 10 LEU B CD1 1 
ATOM   296 C CD2 . LEU B 1 10 ? 8.440   0.991   -2.522  1.00 22.08 ? 10 LEU B CD2 1 
ATOM   297 N N   . GLU B 1 11 ? 7.292   -1.373  2.136   1.00 12.54 ? 11 GLU B N   1 
ATOM   298 C CA  . GLU B 1 11 ? 6.386   -2.015  3.063   1.00 13.08 ? 11 GLU B CA  1 
ATOM   299 C C   . GLU B 1 11 ? 5.794   -0.999  4.044   1.00 13.09 ? 11 GLU B C   1 
ATOM   300 O O   . GLU B 1 11 ? 4.619   -1.111  4.415   1.00 12.42 ? 11 GLU B O   1 
ATOM   301 C CB  . GLU B 1 11 ? 7.094   -3.135  3.804   1.00 14.51 ? 11 GLU B CB  1 
ATOM   302 C CG  . GLU B 1 11 ? 6.121   -3.971  4.611   1.00 16.12 ? 11 GLU B CG  1 
ATOM   303 C CD  . GLU B 1 11 ? 6.721   -5.285  5.060   1.00 18.32 ? 11 GLU B CD  1 
ATOM   304 O OE1 . GLU B 1 11 ? 7.936   -5.525  4.873   1.00 17.87 ? 11 GLU B OE1 1 
ATOM   305 O OE2 . GLU B 1 11 ? 5.928   -6.094  5.587   1.00 21.56 ? 11 GLU B OE2 1 
ATOM   306 N N   . ASP B 1 12 ? 6.596   0.011   4.465   1.00 12.83 ? 12 ASP B N   1 
ATOM   307 C CA  . ASP B 1 12 ? 6.048   1.004   5.389   1.00 12.16 ? 12 ASP B CA  1 
ATOM   308 C C   . ASP B 1 12 ? 4.966   1.835   4.666   1.00 12.48 ? 12 ASP B C   1 
ATOM   309 O O   . ASP B 1 12 ? 3.904   2.087   5.233   1.00 12.14 ? 12 ASP B O   1 
ATOM   310 C CB  . ASP B 1 12 ? 7.181   1.916   5.876   1.00 14.35 ? 12 ASP B CB  1 
ATOM   311 C CG  . ASP B 1 12 ? 6.693   2.909   6.889   1.00 16.67 ? 12 ASP B CG  1 
ATOM   312 O OD1 . ASP B 1 12 ? 6.407   2.485   8.023   1.00 19.72 ? 12 ASP B OD1 1 
ATOM   313 O OD2 . ASP B 1 12 ? 6.461   4.068   6.506   1.00 17.40 ? 12 ASP B OD2 1 
ATOM   314 N N   . LEU B 1 13 ? 5.169   2.159   3.385   1.00 12.03 ? 13 LEU B N   1 
ATOM   315 C CA  . LEU B 1 13 ? 4.145   2.893   2.640   1.00 11.81 ? 13 LEU B CA  1 
ATOM   316 C C   . LEU B 1 13 ? 2.889   2.032   2.476   1.00 12.39 ? 13 LEU B C   1 
ATOM   317 O O   . LEU B 1 13 ? 1.782   2.551   2.587   1.00 11.96 ? 13 LEU B O   1 
ATOM   318 C CB  . LEU B 1 13 ? 4.681   3.288   1.256   1.00 12.39 ? 13 LEU B CB  1 
ATOM   319 C CG  . LEU B 1 13 ? 5.824   4.274   1.275   1.00 14.10 ? 13 LEU B CG  1 
ATOM   320 C CD1 . LEU B 1 13 ? 6.338   4.522   -0.145  1.00 16.54 ? 13 LEU B CD1 1 
ATOM   321 C CD2 . LEU B 1 13 ? 5.404   5.581   1.920   1.00 16.32 ? 13 LEU B CD2 1 
ATOM   322 N N   . GLN B 1 14 ? 3.047   0.730   2.240   1.00 11.80 ? 14 GLN B N   1 
ATOM   323 C CA  . GLN B 1 14 ? 1.932   -0.173  2.098   1.00 12.00 ? 14 GLN B CA  1 
ATOM   324 C C   . GLN B 1 14 ? 1.136   -0.233  3.391   1.00 12.91 ? 14 GLN B C   1 
ATOM   325 O O   . GLN B 1 14 ? -0.100  -0.176  3.350   1.00 13.52 ? 14 GLN B O   1 
ATOM   326 C CB  . GLN B 1 14 ? 2.493   -1.558  1.705   1.00 12.96 ? 14 GLN B CB  1 
ATOM   327 C CG  . GLN B 1 14 ? 1.433   -2.609  1.481   1.00 15.25 ? 14 GLN B CG  1 
ATOM   328 C CD  . GLN B 1 14 ? 2.020   -3.952  1.297   1.00 17.44 ? 14 GLN B CD  1 
ATOM   329 O OE1 . GLN B 1 14 ? 3.186   -4.094  1.032   1.00 20.40 ? 14 GLN B OE1 1 
ATOM   330 N NE2 . GLN B 1 14 ? 1.209   -4.945  1.390   1.00 18.65 ? 14 GLN B NE2 1 
ATOM   331 N N   . GLU B 1 15 ? 1.816   -0.288  4.543   1.00 12.50 ? 15 GLU B N   1 
ATOM   332 C CA  . GLU B 1 15 ? 1.166   -0.308  5.833   1.00 13.35 ? 15 GLU B CA  1 
ATOM   333 C C   . GLU B 1 15 ? 0.467   1.002   6.094   1.00 13.02 ? 15 GLU B C   1 
ATOM   334 O O   . GLU B 1 15 ? -0.648  1.000   6.644   1.00 13.94 ? 15 GLU B O   1 
ATOM   335 C CB  . GLU B 1 15 ? 2.198   -0.585  6.928   1.00 16.72 ? 15 GLU B CB  1 
ATOM   336 C CG  . GLU B 1 15 ? 1.606   -0.747  8.313   1.00 27.35 ? 15 GLU B CG  1 
ATOM   337 C CD  . GLU B 1 15 ? 0.935   -2.083  8.536   1.00 46.77 ? 15 GLU B CD  1 
ATOM   338 O OE1 . GLU B 1 15 ? 1.639   -3.054  8.894   1.00 53.06 ? 15 GLU B OE1 1 
ATOM   339 O OE2 . GLU B 1 15 ? -0.282  -2.178  8.266   1.00 36.78 ? 15 GLU B OE2 1 
ATOM   340 N N   . ARG B 1 16 ? 1.052   2.113   5.655   1.00 12.01 ? 16 ARG B N   1 
ATOM   341 C CA  . ARG B 1 16 ? 0.373   3.410   5.849   1.00 12.87 ? 16 ARG B CA  1 
ATOM   342 C C   . ARG B 1 16 ? -0.904  3.488   5.044   1.00 12.01 ? 16 ARG B C   1 
ATOM   343 O O   . ARG B 1 16 ? -1.898  4.002   5.526   1.00 14.06 ? 16 ARG B O   1 
ATOM   344 C CB  . ARG B 1 16 ? 1.305   4.563   5.507   1.00 13.45 ? 16 ARG B CB  1 
ATOM   345 C CG  . ARG B 1 16 ? 2.407   4.672   6.549   1.00 13.26 ? 16 ARG B CG  1 
ATOM   346 C CD  . ARG B 1 16 ? 3.464   5.685   6.181   1.00 14.43 ? 16 ARG B CD  1 
ATOM   347 N NE  . ARG B 1 16 ? 4.415   5.823   7.275   1.00 14.61 ? 16 ARG B NE  1 
ATOM   348 C CZ  . ARG B 1 16 ? 4.144   6.502   8.383   1.00 14.95 ? 16 ARG B CZ  1 
ATOM   349 N NH1 . ARG B 1 16 ? 3.055   7.256   8.458   1.00 16.76 ? 16 ARG B NH1 1 
ATOM   350 N NH2 . ARG B 1 16 ? 4.995   6.497   9.394   1.00 17.42 ? 16 ARG B NH2 1 
ATOM   351 N N   . LEU B 1 17 ? -0.905  2.934   3.841   1.00 11.99 ? 17 LEU B N   1 
ATOM   352 C CA  . LEU B 1 17 ? -2.114  2.918   3.026   1.00 11.99 ? 17 LEU B CA  1 
ATOM   353 C C   . LEU B 1 17 ? -3.156  2.029   3.679   1.00 13.40 ? 17 LEU B C   1 
ATOM   354 O O   . LEU B 1 17 ? -4.340  2.390   3.698   1.00 13.69 ? 17 LEU B O   1 
ATOM   355 C CB  . LEU B 1 17 ? -1.810  2.466   1.605   1.00 12.35 ? 17 LEU B CB  1 
ATOM   356 C CG  . LEU B 1 17 ? -1.094  3.514   0.766   1.00 13.31 ? 17 LEU B CG  1 
ATOM   357 C CD1 . LEU B 1 17 ? -0.481  2.880   -0.444  1.00 15.70 ? 17 LEU B CD1 1 
ATOM   358 C CD2 . LEU B 1 17 ? -2.073  4.611   0.326   1.00 16.47 ? 17 LEU B CD2 1 
ATOM   359 N N   . ARG B 1 18 ? -2.753  0.869   4.230   1.00 13.29 ? 18 ARG B N   1 
ATOM   360 C CA  . ARG B 1 18 ? -3.731  0.015   4.902   1.00 14.69 ? 18 ARG B CA  1 
ATOM   361 C C   . ARG B 1 18 ? -4.367  0.779   6.092   1.00 15.32 ? 18 ARG B C   1 
ATOM   362 O O   . ARG B 1 18 ? -5.576  0.709   6.314   1.00 16.07 ? 18 ARG B O   1 
ATOM   363 C CB  . ARG B 1 18 ? -2.997  -1.233  5.393   1.00 14.85 ? 18 ARG B CB  1 
ATOM   364 C CG  . ARG B 1 18 ? -3.908  -2.255  6.078   1.00 19.16 ? 18 ARG B CG  1 
ATOM   365 C CD  . ARG B 1 18 ? -3.127  -3.496  6.569   1.00 20.90 ? 18 ARG B CD  1 
ATOM   366 N NE  . ARG B 1 18 ? -2.441  -4.232  5.494   1.00 26.58 ? 18 ARG B NE  1 
ATOM   367 C CZ  . ARG B 1 18 ? -1.132  -4.210  5.243   1.00 38.03 ? 18 ARG B CZ  1 
ATOM   368 N NH1 . ARG B 1 18 ? -0.310  -3.505  6.011   1.00 30.65 ? 18 ARG B NH1 1 
ATOM   369 N NH2 . ARG B 1 18 ? -0.638  -4.886  4.213   1.00 32.75 ? 18 ARG B NH2 1 
ATOM   370 N N   . LYS B 1 19 ? -3.553  1.524   6.843   1.00 14.54 ? 19 LYS B N   1 
ATOM   371 C CA  . LYS B 1 19 ? -4.023  2.283   7.994   1.00 15.46 ? 19 LYS B CA  1 
ATOM   372 C C   . LYS B 1 19 ? -4.940  3.442   7.598   1.00 15.59 ? 19 LYS B C   1 
ATOM   373 O O   . LYS B 1 19 ? -5.942  3.710   8.251   1.00 17.34 ? 19 LYS B O   1 
ATOM   374 C CB  . LYS B 1 19 ? -2.838  2.731   8.851   1.00 18.01 ? 19 LYS B CB  1 
ATOM   375 C CG  . LYS B 1 19 ? -2.199  1.572   9.621   1.00 19.58 ? 19 LYS B CG  1 
ATOM   376 C CD  . LYS B 1 19 ? -1.024  2.039   10.456  1.00 24.33 ? 19 LYS B CD  1 
ATOM   377 C CE  . LYS B 1 19 ? -0.341  0.883   11.147  1.00 24.58 ? 19 LYS B CE  1 
ATOM   378 N NZ  . LYS B 1 19 ? 0.724   1.376   12.066  1.00 26.44 ? 19 LYS B NZ  1 
ATOM   379 N N   . LEU B 1 20 ? -4.661  4.082   6.452   1.00 15.71 ? 20 LEU B N   1 
ATOM   380 C CA  . LEU B 1 20 ? -5.545  5.140   5.956   1.00 17.20 ? 20 LEU B CA  1 
ATOM   381 C C   . LEU B 1 20 ? -6.888  4.560   5.517   1.00 16.06 ? 20 LEU B C   1 
ATOM   382 O O   . LEU B 1 20 ? -7.950  5.158   5.742   1.00 18.23 ? 20 LEU B O   1 
ATOM   383 C CB  . LEU B 1 20 ? -4.907  5.855   4.770   1.00 18.42 ? 20 LEU B CB  1 
ATOM   384 C CG  . LEU B 1 20 ? -3.804  6.825   5.089   1.00 22.51 ? 20 LEU B CG  1 
ATOM   385 C CD1 . LEU B 1 20 ? -3.082  7.277   3.811   1.00 23.57 ? 20 LEU B CD1 1 
ATOM   386 C CD2 . LEU B 1 20 ? -4.339  8.031   5.892   1.00 24.69 ? 20 LEU B CD2 1 
ATOM   387 N N   . ARG B 1 21 ? -6.849  3.376   4.903   1.00 16.09 ? 21 ARG B N   1 
ATOM   388 C CA  . ARG B 1 21 ? -8.071  2.697   4.498   1.00 16.82 ? 21 ARG B CA  1 
ATOM   389 C C   . ARG B 1 21 ? -8.896  2.319   5.709   1.00 18.91 ? 21 ARG B C   1 
ATOM   390 O O   . ARG B 1 21 ? -10.109 2.469   5.655   1.00 20.16 ? 21 ARG B O   1 
ATOM   391 C CB  . ARG B 1 21 ? -7.769  1.462   3.668   1.00 17.87 ? 21 ARG B CB  1 
ATOM   392 C CG  . ARG B 1 21 ? -7.284  1.789   2.254   1.00 18.42 ? 21 ARG B CG  1 
ATOM   393 C CD  . ARG B 1 21 ? -6.742  0.563   1.560   1.00 19.37 ? 21 ARG B CD  1 
ATOM   394 N NE  . ARG B 1 21 ? -7.806  -0.406  1.353   1.00 23.68 ? 21 ARG B NE  1 
ATOM   395 C CZ  . ARG B 1 21 ? -7.752  -1.703  1.651   1.00 24.24 ? 21 ARG B CZ  1 
ATOM   396 N NH1 . ARG B 1 21 ? -6.621  -2.247  2.074   1.00 22.27 ? 21 ARG B NH1 1 
ATOM   397 N NH2 . ARG B 1 21 ? -8.804  -2.481  1.433   1.00 25.21 ? 21 ARG B NH2 1 
ATOM   398 N N   . LYS B 1 22 ? -8.254  1.866   6.816   1.00 18.35 ? 22 LYS B N   1 
ATOM   399 C CA  . LYS B 1 22 ? -8.938  1.534   8.065   1.00 21.01 ? 22 LYS B CA  1 
ATOM   400 C C   . LYS B 1 22 ? -9.612  2.788   8.623   1.00 24.06 ? 22 LYS B C   1 
ATOM   401 O O   . LYS B 1 22 ? -10.771 2.710   9.080   1.00 25.48 ? 22 LYS B O   1 
ATOM   402 C CB  . LYS B 1 22 ? -7.932  0.926   9.061   1.00 23.76 ? 22 LYS B CB  1 
ATOM   403 C CG  . LYS B 1 22 ? -8.521  0.464   10.387  1.00 31.72 ? 22 LYS B CG  1 
ATOM   404 C CD  . LYS B 1 22 ? -7.409  -0.002  11.323  1.00 37.03 ? 22 LYS B CD  1 
ATOM   405 C CE  . LYS B 1 22 ? -7.909  -0.430  12.682  1.00 46.94 ? 22 LYS B CE  1 
ATOM   406 N NZ  . LYS B 1 22 ? -8.783  -1.632  12.606  1.00 51.02 ? 22 LYS B NZ  1 
ATOM   407 N N   . LYS B 1 23 ? -8.936  3.960   8.521   1.00 22.07 ? 23 LYS B N   1 
ATOM   408 C CA  . LYS B 1 23 ? -9.512  5.244   8.971   1.00 24.82 ? 23 LYS B CA  1 
ATOM   409 C C   . LYS B 1 23 ? -10.720 5.647   8.119   1.00 28.15 ? 23 LYS B C   1 
ATOM   410 O O   . LYS B 1 23 ? -11.727 6.093   8.685   1.00 29.22 ? 23 LYS B O   1 
ATOM   411 C CB  . LYS B 1 23 ? -8.443  6.347   8.957   1.00 27.02 ? 23 LYS B CB  1 
ATOM   412 C CG  . LYS B 1 23 ? -7.402  6.175   10.047  1.00 33.80 ? 23 LYS B CG  1 
ATOM   413 C CD  . LYS B 1 23 ? -6.443  7.341   10.105  1.00 45.32 ? 23 LYS B CD  1 
ATOM   414 C CE  . LYS B 1 23 ? -5.580  7.304   11.349  1.00 59.79 ? 23 LYS B CE  1 
ATOM   415 N NZ  . LYS B 1 23 ? -4.626  6.158   11.349  1.00 67.70 ? 23 LYS B NZ  1 
ATOM   416 N N   . LEU B 1 24 ? -10.678 5.418   6.780   1.00 25.81 ? 24 LEU B N   1 
ATOM   417 C CA  . LEU B 1 24 ? -11.801 5.713   5.874   1.00 27.28 ? 24 LEU B CA  1 
ATOM   418 C C   . LEU B 1 24 ? -13.016 4.907   6.302   1.00 33.66 ? 24 LEU B C   1 
ATOM   419 O O   . LEU B 1 24 ? -14.116 5.462   6.349   1.00 35.57 ? 24 LEU B O   1 
ATOM   420 C CB  . LEU B 1 24 ? -11.451 5.438   4.393   1.00 26.51 ? 24 LEU B CB  1 
ATOM   421 C CG  . LEU B 1 24 ? -10.600 6.490   3.678   1.00 29.67 ? 24 LEU B CG  1 
ATOM   422 C CD1 . LEU B 1 24 ? -10.081 5.969   2.345   1.00 28.86 ? 24 LEU B CD1 1 
ATOM   423 C CD2 . LEU B 1 24 ? -11.396 7.767   3.421   1.00 33.15 ? 24 LEU B CD2 1 
ATOM   424 N N   . ARG B 1 25 ? -12.798 3.631   6.707   1.00 31.02 ? 25 ARG B N   1 
ATOM   425 C CA  . ARG B 1 25 ? -13.833 2.717   7.214   1.00 33.97 ? 25 ARG B CA  1 
ATOM   426 C C   . ARG B 1 25 ? -14.420 3.164   8.561   1.00 41.39 ? 25 ARG B C   1 
ATOM   427 O O   . ARG B 1 25 ? -15.610 2.948   8.790   1.00 44.06 ? 25 ARG B O   1 
ATOM   428 C CB  . ARG B 1 25 ? -13.254 1.313   7.408   1.00 32.77 ? 25 ARG B CB  1 
ATOM   429 C CG  . ARG B 1 25 ? -12.926 0.556   6.140   1.00 34.88 ? 25 ARG B CG  1 
ATOM   430 C CD  . ARG B 1 25 ? -12.136 -0.701  6.462   1.00 35.62 ? 25 ARG B CD  1 
ATOM   431 N NE  . ARG B 1 25 ? -12.960 -1.693  7.152   1.00 35.79 ? 25 ARG B NE  1 
ATOM   432 C CZ  . ARG B 1 25 ? -13.504 -2.757  6.572   1.00 52.14 ? 25 ARG B CZ  1 
ATOM   433 N NH1 . ARG B 1 25 ? -13.283 -3.006  5.286   1.00 41.86 ? 25 ARG B NH1 1 
ATOM   434 N NH2 . ARG B 1 25 ? -14.247 -3.596  7.277   1.00 41.37 ? 25 ARG B NH2 1 
ATOM   435 N N   . SER B 1 26 ? -13.575 3.710   9.473   0.50 27.19 ? 26 SER B N   1 
ATOM   436 C CA  . SER B 1 26 ? -13.953 4.144   10.823  0.50 58.15 ? 26 SER B CA  1 
ATOM   437 C C   . SER B 1 26 ? -14.949 5.302   10.831  0.50 95.18 ? 26 SER B C   1 
ATOM   438 O O   . SER B 1 26 ? -15.760 5.403   11.750  0.50 59.47 ? 26 SER B O   1 
ATOM   439 C CB  . SER B 1 26 ? -12.713 4.511   11.633  0.50 61.61 ? 26 SER B CB  1 
HETATM 440 C C   . ACE C 2 .  ? -19.669 7.472   -6.028  1.00 28.98 ? 28 ACE A C   1 
HETATM 441 O O   . ACE C 2 .  ? -19.929 8.679   -5.928  1.00 30.68 ? 28 ACE A O   1 
HETATM 442 C CH3 . ACE C 2 .  ? -19.947 6.741   -7.343  1.00 30.12 ? 28 ACE A CH3 1 
HETATM 443 C C1  . PGE D 3 .  ? 0.221   5.418   10.211  1.00 57.89 ? 28 PGE B C1  1 
HETATM 444 O O1  . PGE D 3 .  ? 1.354   5.464   11.084  1.00 57.95 ? 28 PGE B O1  1 
HETATM 445 C C2  . PGE D 3 .  ? -1.021  5.943   10.942  1.00 57.48 ? 28 PGE B C2  1 
HETATM 446 O O2  . PGE D 3 .  ? -1.983  6.463   10.002  1.00 56.38 ? 28 PGE B O2  1 
HETATM 447 C C3  . PGE D 3 .  ? -2.154  7.883   10.194  1.00 54.69 ? 28 PGE B C3  1 
HETATM 448 C C4  . PGE D 3 .  ? -2.428  8.545   8.854   1.00 51.86 ? 28 PGE B C4  1 
HETATM 449 O O4  . PGE D 3 .  ? -6.285  11.239  9.089   1.00 44.80 ? 28 PGE B O4  1 
HETATM 450 C C6  . PGE D 3 .  ? -5.044  10.914  8.448   1.00 44.62 ? 28 PGE B C6  1 
HETATM 451 C C5  . PGE D 3 .  ? -4.251  9.965   9.347   1.00 46.01 ? 28 PGE B C5  1 
HETATM 452 O O3  . PGE D 3 .  ? -2.858  9.919   9.002   1.00 50.21 ? 28 PGE B O3  1 
HETATM 453 O O   . HOH E 4 .  ? -15.201 -1.545  -1.638  1.00 43.03 ? 29 HOH A O   1 
HETATM 454 O O   . HOH E 4 .  ? -12.585 -2.952  -3.040  1.00 33.02 ? 30 HOH A O   1 
HETATM 455 O O   . HOH E 4 .  ? 0.139   -9.970  -4.976  1.00 46.28 ? 31 HOH A O   1 
HETATM 456 O O   . HOH E 4 .  ? -18.790 3.824   -5.031  1.00 30.29 ? 32 HOH A O   1 
HETATM 457 O O   . HOH E 4 .  ? -15.330 2.170   2.687   1.00 49.74 ? 33 HOH A O   1 
HETATM 458 O O   . HOH E 4 .  ? 12.383  -16.416 -6.690  1.00 46.31 ? 34 HOH A O   1 
HETATM 459 O O   . HOH E 4 .  ? 1.429   -13.759 -4.824  1.00 52.91 ? 35 HOH A O   1 
HETATM 460 O O   . HOH E 4 .  ? 4.721   -8.639  -0.892  1.00 19.39 ? 36 HOH A O   1 
HETATM 461 O O   . HOH E 4 .  ? -3.123  0.795   -9.727  1.00 22.73 ? 37 HOH A O   1 
HETATM 462 O O   . HOH E 4 .  ? -5.703  2.138   -9.636  1.00 18.84 ? 38 HOH A O   1 
HETATM 463 O O   . HOH E 4 .  ? -9.199  1.566   -9.451  1.00 21.49 ? 39 HOH A O   1 
HETATM 464 O O   . HOH E 4 .  ? -4.764  5.786   -8.933  1.00 22.37 ? 40 HOH A O   1 
HETATM 465 O O   . HOH E 4 .  ? -18.512 6.408   -0.207  1.00 30.64 ? 41 HOH A O   1 
HETATM 466 O O   . HOH E 4 .  ? 5.446   -13.198 -1.283  1.00 25.43 ? 42 HOH A O   1 
HETATM 467 O O   . HOH E 4 .  ? -17.336 13.714  -0.426  1.00 33.81 ? 43 HOH A O   1 
HETATM 468 O O   . HOH E 4 .  ? -2.463  -4.671  -8.796  1.00 36.59 ? 44 HOH A O   1 
HETATM 469 O O   . HOH E 4 .  ? -8.340  4.399   -11.370 1.00 35.44 ? 45 HOH A O   1 
HETATM 470 O O   . HOH E 4 .  ? -1.372  -5.369  0.632   1.00 28.45 ? 46 HOH A O   1 
HETATM 471 O O   . HOH E 4 .  ? -4.857  -3.641  -0.692  1.00 47.35 ? 51 HOH A O   1 
HETATM 472 O O   . HOH F 4 .  ? 14.410  -5.075  4.127   1.00 35.63 ? 29 HOH B O   1 
HETATM 473 O O   . HOH F 4 .  ? 9.737   0.056   8.784   1.00 37.15 ? 30 HOH B O   1 
HETATM 474 O O   . HOH F 4 .  ? -0.432  2.847   14.112  0.50 35.65 ? 31 HOH B O   1 
HETATM 475 O O   . HOH F 4 .  ? 22.567  0.090   -4.960  1.00 35.81 ? 32 HOH B O   1 
HETATM 476 O O   . HOH F 4 .  ? 11.358  7.908   0.982   1.00 24.50 ? 33 HOH B O   1 
HETATM 477 O O   . HOH F 4 .  ? 9.052   -1.682  6.689   1.00 20.65 ? 34 HOH B O   1 
HETATM 478 O O   . HOH F 4 .  ? 7.130   4.571   9.623   1.00 21.58 ? 35 HOH B O   1 
HETATM 479 O O   . HOH F 4 .  ? -2.005  -7.601  3.922   1.00 28.21 ? 36 HOH B O   1 
HETATM 480 O O   . HOH F 4 .  ? 2.689   -3.597  4.652   1.00 39.12 ? 37 HOH B O   1 
HETATM 481 O O   . HOH F 4 .  ? -1.256  5.924   7.539   1.00 22.97 ? 38 HOH B O   1 
HETATM 482 O O   . HOH F 4 .  ? 10.074  -4.209  5.739   1.00 21.85 ? 39 HOH B O   1 
HETATM 483 O O   . HOH F 4 .  ? 2.634   3.219   10.376  1.00 33.94 ? 40 HOH B O   1 
HETATM 484 O O   . HOH F 4 .  ? 12.431  -5.804  5.821   1.00 26.57 ? 41 HOH B O   1 
HETATM 485 O O   . HOH F 4 .  ? 1.981   -1.378  12.271  1.00 43.92 ? 42 HOH B O   1 
HETATM 486 O O   . HOH F 4 .  ? 7.256   -9.852  -0.226  1.00 25.57 ? 43 HOH B O   1 
HETATM 487 O O   . HOH F 4 .  ? -3.313  -1.966  9.657   1.00 49.80 ? 44 HOH B O   1 
HETATM 488 O O   . HOH F 4 .  ? 15.286  5.304   4.249   1.00 52.80 ? 45 HOH B O   1 
HETATM 489 O O   . HOH F 4 .  ? 7.198   0.537   9.408   1.00 33.84 ? 46 HOH B O   1 
HETATM 490 O O   . HOH F 4 .  ? 3.043   0.624   10.462  1.00 38.31 ? 47 HOH B O   1 
HETATM 491 O O   . HOH F 4 .  ? -5.648  2.851   11.226  1.00 34.17 ? 48 HOH B O   1 
HETATM 492 O O   . HOH F 4 .  ? 6.332   -1.669  7.607   1.00 34.38 ? 50 HOH B O   1 
# 
loop_
_atom_site_anisotrop.id 
_atom_site_anisotrop.type_symbol 
_atom_site_anisotrop.pdbx_label_atom_id 
_atom_site_anisotrop.pdbx_label_alt_id 
_atom_site_anisotrop.pdbx_label_comp_id 
_atom_site_anisotrop.pdbx_label_asym_id 
_atom_site_anisotrop.pdbx_label_seq_id 
_atom_site_anisotrop.pdbx_PDB_ins_code 
_atom_site_anisotrop.U[1][1] 
_atom_site_anisotrop.U[2][2] 
_atom_site_anisotrop.U[3][3] 
_atom_site_anisotrop.U[1][2] 
_atom_site_anisotrop.U[1][3] 
_atom_site_anisotrop.U[2][3] 
_atom_site_anisotrop.pdbx_auth_seq_id 
_atom_site_anisotrop.pdbx_auth_comp_id 
_atom_site_anisotrop.pdbx_auth_asym_id 
_atom_site_anisotrop.pdbx_auth_atom_id 
1   N N   . GLY A 1  ? 0.3013 0.3740 0.4729 0.0501  -0.0864 -0.0240 1  GLY A N   
2   C CA  . GLY A 1  ? 0.2818 0.3605 0.4576 0.0617  -0.0791 -0.0384 1  GLY A CA  
3   C C   . GLY A 1  ? 0.3039 0.3584 0.4609 0.0597  -0.0794 -0.0407 1  GLY A C   
4   O O   . GLY A 1  ? 0.2880 0.3348 0.4226 0.0492  -0.0746 -0.0344 1  GLY A O   
5   N N   . ASN A 2  ? 0.2612 0.3032 0.4293 0.0696  -0.0859 -0.0499 2  ASN A N   
6   C CA  . ASN A 2  ? 0.2726 0.2913 0.4280 0.0674  -0.0886 -0.0517 2  ASN A CA  
7   C C   . ASN A 2  ? 0.2949 0.3185 0.4279 0.0640  -0.0767 -0.0571 2  ASN A C   
8   O O   . ASN A 2  ? 0.2666 0.2750 0.3813 0.0545  -0.0764 -0.0492 2  ASN A O   
9   C CB  . ASN A 2  ? 0.3063 0.3131 0.4843 0.0797  -0.0984 -0.0633 2  ASN A CB  
10  C CG  . ASN A 2  ? 0.5305 0.5231 0.7297 0.0806  -0.1136 -0.0525 2  ASN A CG  
11  O OD1 . ASN A 2  ? 0.4855 0.4711 0.6762 0.0698  -0.1185 -0.0342 2  ASN A OD1 
12  N ND2 . ASN A 2  ? 0.4134 0.4019 0.6411 0.0941  -0.1222 -0.0640 2  ASN A ND2 
13  N N   . ALA A 3  ? 0.2745 0.3219 0.4086 0.0716  -0.0667 -0.0693 3  ALA A N   
14  C CA  . ALA A 3  ? 0.2702 0.3255 0.3834 0.0687  -0.0560 -0.0726 3  ALA A CA  
15  C C   . ALA A 3  ? 0.2553 0.3107 0.3512 0.0549  -0.0500 -0.0567 3  ALA A C   
16  O O   . ALA A 3  ? 0.2380 0.2824 0.3159 0.0486  -0.0475 -0.0531 3  ALA A O   
17  C CB  . ALA A 3  ? 0.2954 0.3824 0.4133 0.0795  -0.0465 -0.0864 3  ALA A CB  
18  N N   . ASP A 4  ? 0.2310 0.2979 0.3346 0.0504  -0.0490 -0.0479 4  ASP A N   
19  C CA  . ASP A 4  ? 0.2329 0.2982 0.3245 0.0375  -0.0453 -0.0349 4  ASP A CA  
20  C C   . ASP A 4  ? 0.2304 0.2682 0.3097 0.0297  -0.0528 -0.0279 4  ASP A C   
21  O O   . ASP A 4  ? 0.2087 0.2381 0.2716 0.0224  -0.0490 -0.0232 4  ASP A O   
22  C CB  . ASP A 4  ? 0.2658 0.3484 0.3728 0.0344  -0.0455 -0.0287 4  ASP A CB  
23  C CG  . ASP A 4  ? 0.4068 0.4861 0.5062 0.0211  -0.0442 -0.0173 4  ASP A CG  
24  O OD1 . ASP A 4  ? 0.4513 0.5290 0.5377 0.0160  -0.0372 -0.0141 4  ASP A OD1 
25  O OD2 . ASP A 4  ? 0.4773 0.5555 0.5849 0.0160  -0.0513 -0.0122 4  ASP A OD2 
26  N N   . GLU A 5  ? 0.1975 0.2233 0.2854 0.0320  -0.0635 -0.0269 5  GLU A N   
27  C CA  . GLU A 5  ? 0.1891 0.1942 0.2648 0.0246  -0.0700 -0.0187 5  GLU A CA  
28  C C   . GLU A 5  ? 0.2201 0.2116 0.2833 0.0245  -0.0678 -0.0213 5  GLU A C   
29  O O   . GLU A 5  ? 0.2176 0.1999 0.2650 0.0169  -0.0663 -0.0152 5  GLU A O   
30  C CB  . GLU A 5  ? 0.2086 0.2073 0.2981 0.0268  -0.0824 -0.0136 5  GLU A CB  
31  C CG  . GLU A 5  ? 0.2264 0.2391 0.3264 0.0249  -0.0857 -0.0092 5  GLU A CG  
32  C CD  . GLU A 5  ? 0.2404 0.2545 0.3251 0.0136  -0.0841 -0.0027 5  GLU A CD  
33  O OE1 . GLU A 5  ? 0.2790 0.2803 0.3457 0.0073  -0.0851 0.0016  5  GLU A OE1 
34  O OE2 . GLU A 5  ? 0.2836 0.3125 0.3754 0.0111  -0.0814 -0.0032 5  GLU A OE2 
35  N N   . LEU A 6  ? 0.2221 0.2147 0.2928 0.0332  -0.0674 -0.0319 6  LEU A N   
36  C CA  . LEU A 6  ? 0.2340 0.2159 0.2949 0.0326  -0.0663 -0.0354 6  LEU A CA  
37  C C   . LEU A 6  ? 0.2221 0.2121 0.2655 0.0282  -0.0554 -0.0344 6  LEU A C   
38  O O   . LEU A 6  ? 0.2057 0.1856 0.2363 0.0227  -0.0543 -0.0299 6  LEU A O   
39  C CB  . LEU A 6  ? 0.2628 0.2455 0.3370 0.0436  -0.0697 -0.0502 6  LEU A CB  
40  C CG  . LEU A 6  ? 0.3525 0.3223 0.4222 0.0434  -0.0726 -0.0555 6  LEU A CG  
41  C CD1 . LEU A 6  ? 0.3710 0.3227 0.4338 0.0332  -0.0773 -0.0412 6  LEU A CD1 
42  C CD2 . LEU A 6  ? 0.4502 0.4126 0.5410 0.0531  -0.0824 -0.0683 6  LEU A CD2 
43  N N   . TYR A 7  ? 0.2011 0.2107 0.2457 0.0304  -0.0478 -0.0367 7  TYR A N   
44  C CA  . TYR A 7  ? 0.2033 0.2217 0.2350 0.0260  -0.0385 -0.0328 7  TYR A CA  
45  C C   . TYR A 7  ? 0.2153 0.2206 0.2373 0.0160  -0.0388 -0.0223 7  TYR A C   
46  O O   . TYR A 7  ? 0.2078 0.2072 0.2181 0.0126  -0.0353 -0.0194 7  TYR A O   
47  C CB  . TYR A 7  ? 0.2087 0.2524 0.2481 0.0286  -0.0316 -0.0330 7  TYR A CB  
48  C CG  . TYR A 7  ? 0.2161 0.2711 0.2467 0.0231  -0.0228 -0.0251 7  TYR A CG  
49  C CD1 . TYR A 7  ? 0.2177 0.2879 0.2405 0.0274  -0.0166 -0.0284 7  TYR A CD1 
50  C CD2 . TYR A 7  ? 0.2567 0.3095 0.2891 0.0139  -0.0216 -0.0140 7  TYR A CD2 
51  C CE1 . TYR A 7  ? 0.2343 0.3165 0.2513 0.0222  -0.0093 -0.0177 7  TYR A CE1 
52  C CE2 . TYR A 7  ? 0.2693 0.3315 0.2986 0.0087  -0.0147 -0.0047 7  TYR A CE2 
53  C CZ  . TYR A 7  ? 0.2703 0.3480 0.2924 0.0128  -0.0084 -0.0050 7  TYR A CZ  
54  O OH  . TYR A 7  ? 0.3092 0.3970 0.3298 0.0073  -0.0026 0.0073  7  TYR A OH  
55  N N   . LYS A 8  ? 0.1831 0.1850 0.2103 0.0119  -0.0433 -0.0176 8  LYS A N   
56  C CA  . LYS A 8  ? 0.1899 0.1814 0.2077 0.0036  -0.0443 -0.0112 8  LYS A CA  
57  C C   . LYS A 8  ? 0.1908 0.1673 0.1979 0.0021  -0.0475 -0.0097 8  LYS A C   
58  O O   . LYS A 8  ? 0.1927 0.1633 0.1890 -0.0023 -0.0443 -0.0075 8  LYS A O   
59  C CB  . LYS A 8  ? 0.2085 0.2027 0.2338 0.0002  -0.0502 -0.0083 8  LYS A CB  
60  C CG  . LYS A 8  ? 0.2210 0.2313 0.2583 -0.0011 -0.0466 -0.0073 8  LYS A CG  
61  C CD  . LYS A 8  ? 0.2573 0.2703 0.3025 -0.0060 -0.0539 -0.0046 8  LYS A CD  
62  C CE  . LYS A 8  ? 0.2572 0.2735 0.3126 -0.0004 -0.0613 -0.0055 8  LYS A CE  
63  N NZ  . LYS A 8  ? 0.2617 0.2852 0.3269 -0.0048 -0.0689 -0.0022 8  LYS A NZ  
64  N N   . GLU A 9  ? 0.1819 0.1529 0.1941 0.0053  -0.0538 -0.0103 9  GLU A N   
65  C CA  . GLU A 9  ? 0.1979 0.1574 0.2025 0.0024  -0.0567 -0.0061 9  GLU A CA  
66  C C   . GLU A 9  ? 0.2060 0.1634 0.2038 0.0032  -0.0512 -0.0090 9  GLU A C   
67  O O   . GLU A 9  ? 0.2144 0.1675 0.2024 -0.0009 -0.0490 -0.0051 9  GLU A O   
68  C CB  . GLU A 9  ? 0.2292 0.1824 0.2456 0.0049  -0.0661 -0.0038 9  GLU A CB  
69  C CG  . GLU A 9  ? 0.3796 0.3264 0.3897 -0.0012 -0.0709 0.0071  9  GLU A CG  
70  C CD  . GLU A 9  ? 0.3143 0.2665 0.3139 -0.0067 -0.0716 0.0131  9  GLU A CD  
71  O OE1 . GLU A 9  ? 0.3629 0.3215 0.3654 -0.0062 -0.0723 0.0104  9  GLU A OE1 
72  O OE2 . GLU A 9  ? 0.3594 0.3116 0.3477 -0.0116 -0.0714 0.0201  9  GLU A OE2 
73  N N   . LEU A 10 ? 0.1887 0.1524 0.1916 0.0088  -0.0490 -0.0163 10 LEU A N   
74  C CA  . LEU A 10 ? 0.1998 0.1643 0.1957 0.0096  -0.0447 -0.0188 10 LEU A CA  
75  C C   . LEU A 10 ? 0.2048 0.1729 0.1909 0.0058  -0.0372 -0.0142 10 LEU A C   
76  O O   . LEU A 10 ? 0.1993 0.1640 0.1787 0.0043  -0.0350 -0.0122 10 LEU A O   
77  C CB  . LEU A 10 ? 0.2077 0.1822 0.2091 0.0170  -0.0442 -0.0289 10 LEU A CB  
78  C CG  . LEU A 10 ? 0.2492 0.2174 0.2639 0.0224  -0.0530 -0.0371 10 LEU A CG  
79  C CD1 . LEU A 10 ? 0.2777 0.2578 0.2943 0.0305  -0.0519 -0.0507 10 LEU A CD1 
80  C CD2 . LEU A 10 ? 0.2614 0.2136 0.2781 0.0178  -0.0599 -0.0324 10 LEU A CD2 
81  N N   . GLU A 11 ? 0.1846 0.1590 0.1727 0.0041  -0.0343 -0.0120 11 GLU A N   
82  C CA  . GLU A 11 ? 0.1868 0.1610 0.1701 0.0001  -0.0291 -0.0073 11 GLU A CA  
83  C C   . GLU A 11 ? 0.2056 0.1679 0.1819 -0.0038 -0.0307 -0.0054 11 GLU A C   
84  O O   . GLU A 11 ? 0.2037 0.1626 0.1755 -0.0048 -0.0272 -0.0038 11 GLU A O   
85  C CB  . GLU A 11 ? 0.2122 0.1942 0.2036 -0.0022 -0.0280 -0.0051 11 GLU A CB  
86  C CG  . GLU A 11 ? 0.2709 0.2525 0.2635 -0.0067 -0.0241 0.0006  11 GLU A CG  
87  C CD  . GLU A 11 ? 0.2856 0.2737 0.2898 -0.0111 -0.0248 0.0038  11 GLU A CD  
88  O OE1 . GLU A 11 ? 0.3409 0.3365 0.3516 -0.0100 -0.0277 0.0015  11 GLU A OE1 
89  O OE2 . GLU A 11 ? 0.4404 0.4277 0.4500 -0.0155 -0.0227 0.0097  11 GLU A OE2 
90  N N   . ASP A 12 ? 0.1878 0.1461 0.1636 -0.0056 -0.0360 -0.0053 12 ASP A N   
91  C CA  . ASP A 12 ? 0.1963 0.1489 0.1631 -0.0088 -0.0365 -0.0039 12 ASP A CA  
92  C C   . ASP A 12 ? 0.1947 0.1453 0.1575 -0.0078 -0.0344 -0.0023 12 ASP A C   
93  O O   . ASP A 12 ? 0.2104 0.1600 0.1672 -0.0087 -0.0308 -0.0023 12 ASP A O   
94  C CB  . ASP A 12 ? 0.2094 0.1626 0.1751 -0.0111 -0.0431 -0.0015 12 ASP A CB  
95  C CG  . ASP A 12 ? 0.2509 0.2070 0.2190 -0.0134 -0.0464 -0.0032 12 ASP A CG  
96  O OD1 . ASP A 12 ? 0.2544 0.2120 0.2283 -0.0137 -0.0438 -0.0058 12 ASP A OD1 
97  O OD2 . ASP A 12 ? 0.2707 0.2291 0.2353 -0.0156 -0.0523 -0.0007 12 ASP A OD2 
98  N N   . LEU A 13 ? 0.1873 0.1377 0.1550 -0.0058 -0.0374 -0.0018 13 LEU A N   
99  C CA  . LEU A 13 ? 0.1977 0.1472 0.1645 -0.0060 -0.0368 0.0002  13 LEU A CA  
100 C C   . LEU A 13 ? 0.1893 0.1414 0.1538 -0.0039 -0.0312 -0.0016 13 LEU A C   
101 O O   . LEU A 13 ? 0.1934 0.1460 0.1551 -0.0047 -0.0285 0.0007  13 LEU A O   
102 C CB  . LEU A 13 ? 0.1975 0.1444 0.1738 -0.0044 -0.0433 -0.0007 13 LEU A CB  
103 C CG  . LEU A 13 ? 0.2279 0.1706 0.2110 -0.0059 -0.0508 0.0034  13 LEU A CG  
104 C CD1 . LEU A 13 ? 0.2581 0.1953 0.2552 -0.0039 -0.0584 0.0011  13 LEU A CD1 
105 C CD2 . LEU A 13 ? 0.2837 0.2279 0.2606 -0.0117 -0.0514 0.0132  13 LEU A CD2 
106 N N   . GLN A 14 ? 0.1820 0.1384 0.1487 -0.0012 -0.0293 -0.0043 14 GLN A N   
107 C CA  . GLN A 14 ? 0.1937 0.1546 0.1587 0.0004  -0.0248 -0.0029 14 GLN A CA  
108 C C   . GLN A 14 ? 0.1835 0.1398 0.1467 -0.0014 -0.0211 -0.0001 14 GLN A C   
109 O O   . GLN A 14 ? 0.1886 0.1451 0.1515 -0.0001 -0.0188 0.0020  14 GLN A O   
110 C CB  . GLN A 14 ? 0.1992 0.1693 0.1668 0.0025  -0.0231 -0.0037 14 GLN A CB  
111 C CG  . GLN A 14 ? 0.2130 0.1917 0.1791 0.0040  -0.0193 0.0006  14 GLN A CG  
112 C CD  . GLN A 14 ? 0.2336 0.2258 0.2022 0.0050  -0.0165 0.0027  14 GLN A CD  
113 O OE1 . GLN A 14 ? 0.2419 0.2419 0.2123 0.0077  -0.0177 -0.0031 14 GLN A OE1 
114 N NE2 . GLN A 14 ? 0.2437 0.2411 0.2140 0.0035  -0.0130 0.0117  14 GLN A NE2 
115 N N   . GLU A 15 ? 0.1806 0.1327 0.1439 -0.0037 -0.0216 -0.0013 15 GLU A N   
116 C CA  . GLU A 15 ? 0.1931 0.1396 0.1563 -0.0046 -0.0196 -0.0024 15 GLU A CA  
117 C C   . GLU A 15 ? 0.1914 0.1374 0.1489 -0.0040 -0.0185 -0.0044 15 GLU A C   
118 O O   . GLU A 15 ? 0.2083 0.1521 0.1672 -0.0019 -0.0156 -0.0062 15 GLU A O   
119 C CB  . GLU A 15 ? 0.2167 0.1601 0.1824 -0.0078 -0.0221 -0.0052 15 GLU A CB  
120 C CG  . GLU A 15 ? 0.2832 0.2303 0.2581 -0.0089 -0.0215 -0.0009 15 GLU A CG  
121 C CD  . GLU A 15 ? 0.3834 0.3305 0.3642 -0.0079 -0.0182 0.0051  15 GLU A CD  
122 O OE1 . GLU A 15 ? 0.3310 0.2876 0.3120 -0.0060 -0.0160 0.0105  15 GLU A OE1 
123 O OE2 . GLU A 15 ? 0.2989 0.2366 0.2841 -0.0083 -0.0183 0.0035  15 GLU A OE2 
124 N N   . ARG A 16 ? 0.1928 0.1420 0.1459 -0.0055 -0.0208 -0.0032 16 ARG A N   
125 C CA  . ARG A 16 ? 0.2028 0.1569 0.1512 -0.0056 -0.0190 -0.0022 16 ARG A CA  
126 C C   . ARG A 16 ? 0.1910 0.1480 0.1441 -0.0031 -0.0160 0.0003  16 ARG A C   
127 O O   . ARG A 16 ? 0.2093 0.1707 0.1620 -0.0011 -0.0119 -0.0009 16 ARG A O   
128 C CB  . ARG A 16 ? 0.2167 0.1747 0.1629 -0.0092 -0.0233 0.0031  16 ARG A CB  
129 C CG  . ARG A 16 ? 0.2901 0.2473 0.2323 -0.0115 -0.0276 0.0024  16 ARG A CG  
130 C CD  . ARG A 16 ? 0.2862 0.2519 0.2181 -0.0132 -0.0267 0.0023  16 ARG A CD  
131 N NE  . ARG A 16 ? 0.2516 0.2273 0.1815 -0.0155 -0.0256 0.0108  16 ARG A NE  
132 C CZ  . ARG A 16 ? 0.2738 0.2538 0.2048 -0.0197 -0.0308 0.0213  16 ARG A CZ  
133 N NH1 . ARG A 16 ? 0.2581 0.2323 0.1924 -0.0209 -0.0380 0.0233  16 ARG A NH1 
134 N NH2 . ARG A 16 ? 0.2996 0.2907 0.2312 -0.0229 -0.0294 0.0312  16 ARG A NH2 
135 N N   . LEU A 17 ? 0.1765 0.1333 0.1341 -0.0026 -0.0183 0.0026  17 LEU A N   
136 C CA  . LEU A 17 ? 0.1775 0.1389 0.1396 -0.0006 -0.0171 0.0049  17 LEU A CA  
137 C C   . LEU A 17 ? 0.1854 0.1457 0.1502 0.0031  -0.0132 0.0048  17 LEU A C   
138 O O   . LEU A 17 ? 0.1937 0.1582 0.1627 0.0057  -0.0109 0.0062  17 LEU A O   
139 C CB  . LEU A 17 ? 0.1841 0.1472 0.1489 -0.0005 -0.0216 0.0048  17 LEU A CB  
140 C CG  . LEU A 17 ? 0.1889 0.1508 0.1569 -0.0037 -0.0272 0.0051  17 LEU A CG  
141 C CD1 . LEU A 17 ? 0.2050 0.1665 0.1761 -0.0020 -0.0325 0.0002  17 LEU A CD1 
142 C CD2 . LEU A 17 ? 0.2191 0.1862 0.1924 -0.0062 -0.0279 0.0097  17 LEU A CD2 
143 N N   . ARG A 18 ? 0.1866 0.1416 0.1521 0.0033  -0.0131 0.0040  18 ARG A N   
144 C CA  . ARG A 18 ? 0.1841 0.1352 0.1563 0.0059  -0.0111 0.0058  18 ARG A CA  
145 C C   . ARG A 18 ? 0.2074 0.1548 0.1815 0.0085  -0.0085 0.0003  18 ARG A C   
146 O O   . ARG A 18 ? 0.2116 0.1589 0.1935 0.0129  -0.0067 0.0012  18 ARG A O   
147 C CB  . ARG A 18 ? 0.1925 0.1389 0.1672 0.0034  -0.0123 0.0069  18 ARG A CB  
148 C CG  . ARG A 18 ? 0.2332 0.1731 0.2188 0.0046  -0.0118 0.0108  18 ARG A CG  
149 C CD  . ARG A 18 ? 0.2442 0.1805 0.2347 0.0003  -0.0134 0.0124  18 ARG A CD  
150 N NE  . ARG A 18 ? 0.2256 0.1538 0.2308 -0.0001 -0.0146 0.0179  18 ARG A NE  
151 C CZ  . ARG A 18 ? 0.2333 0.1542 0.2483 -0.0045 -0.0172 0.0182  18 ARG A CZ  
152 N NH1 . ARG A 18 ? 0.2526 0.1748 0.2628 -0.0083 -0.0187 0.0124  18 ARG A NH1 
153 N NH2 . ARG A 18 ? 0.2350 0.1469 0.2672 -0.0055 -0.0195 0.0249  18 ARG A NH2 
154 N N   . LYS A 19 ? 0.2159 0.1626 0.1830 0.0066  -0.0085 -0.0062 19 LYS A N   
155 C CA  . LYS A 19 ? 0.2316 0.1790 0.1979 0.0100  -0.0057 -0.0144 19 LYS A CA  
156 C C   . LYS A 19 ? 0.2344 0.1943 0.2002 0.0126  -0.0017 -0.0130 19 LYS A C   
157 O O   . LYS A 19 ? 0.2464 0.2094 0.2173 0.0183  0.0019  -0.0185 19 LYS A O   
158 C CB  . LYS A 19 ? 0.2622 0.2095 0.2187 0.0067  -0.0075 -0.0210 19 LYS A CB  
159 C CG  . LYS A 19 ? 0.4180 0.3535 0.3794 0.0049  -0.0113 -0.0249 19 LYS A CG  
160 C CD  . LYS A 19 ? 0.5363 0.4735 0.4884 0.0022  -0.0141 -0.0330 19 LYS A CD  
161 C CE  . LYS A 19 ? 0.5808 0.5163 0.5330 -0.0033 -0.0187 -0.0277 19 LYS A CE  
162 N NZ  . LYS A 19 ? 0.4770 0.4038 0.4362 -0.0058 -0.0232 -0.0334 19 LYS A NZ  
163 N N   . LEU A 20 ? 0.2177 0.1853 0.1803 0.0088  -0.0028 -0.0057 20 LEU A N   
164 C CA  . LEU A 20 ? 0.2313 0.2127 0.1971 0.0098  0.0003  -0.0019 20 LEU A CA  
165 C C   . LEU A 20 ? 0.2407 0.2231 0.2180 0.0149  0.0014  0.0001  20 LEU A C   
166 O O   . LEU A 20 ? 0.2333 0.2263 0.2167 0.0192  0.0057  -0.0010 20 LEU A O   
167 C CB  . LEU A 20 ? 0.2392 0.2254 0.2044 0.0036  -0.0036 0.0063  20 LEU A CB  
168 C CG  . LEU A 20 ? 0.3166 0.3084 0.2746 -0.0015 -0.0044 0.0091  20 LEU A CG  
169 C CD1 . LEU A 20 ? 0.3055 0.2964 0.2689 -0.0074 -0.0109 0.0176  20 LEU A CD1 
170 C CD2 . LEU A 20 ? 0.3565 0.3663 0.3121 -0.0001 0.0022  0.0094  20 LEU A CD2 
171 N N   . ARG A 21 ? 0.2079 0.1823 0.1889 0.0148  -0.0025 0.0040  21 ARG A N   
172 C CA  . ARG A 21 ? 0.1941 0.1704 0.1857 0.0193  -0.0028 0.0083  21 ARG A CA  
173 C C   . ARG A 21 ? 0.2283 0.1996 0.2288 0.0262  0.0005  0.0029  21 ARG A C   
174 O O   . ARG A 21 ? 0.2400 0.2184 0.2514 0.0319  0.0023  0.0036  21 ARG A O   
175 C CB  . ARG A 21 ? 0.2049 0.1762 0.1956 0.0175  -0.0071 0.0139  21 ARG A CB  
176 C CG  . ARG A 21 ? 0.2214 0.2002 0.2071 0.0135  -0.0110 0.0167  21 ARG A CG  
177 C CD  . ARG A 21 ? 0.2330 0.2117 0.2148 0.0126  -0.0142 0.0198  21 ARG A CD  
178 N NE  . ARG A 21 ? 0.2098 0.1914 0.1987 0.0162  -0.0143 0.0273  21 ARG A NE  
179 C CZ  . ARG A 21 ? 0.2357 0.2147 0.2262 0.0163  -0.0143 0.0332  21 ARG A CZ  
180 N NH1 . ARG A 21 ? 0.2425 0.2183 0.2272 0.0130  -0.0138 0.0314  21 ARG A NH1 
181 N NH2 . ARG A 21 ? 0.2387 0.2197 0.2388 0.0194  -0.0152 0.0427  21 ARG A NH2 
182 N N   . LYS A 22 ? 0.2268 0.1861 0.2249 0.0259  0.0002  -0.0040 22 LYS A N   
183 C CA  . LYS A 22 ? 0.2470 0.1982 0.2557 0.0326  0.0015  -0.0125 22 LYS A CA  
184 C C   . LYS A 22 ? 0.2713 0.2360 0.2792 0.0383  0.0073  -0.0218 22 LYS A C   
185 O O   . LYS A 22 ? 0.2822 0.2485 0.3042 0.0466  0.0091  -0.0257 22 LYS A O   
186 C CB  . LYS A 22 ? 0.2804 0.2176 0.2859 0.0296  -0.0013 -0.0194 22 LYS A CB  
187 C CG  . LYS A 22 ? 0.4160 0.3423 0.4291 0.0257  -0.0060 -0.0092 22 LYS A CG  
188 C CD  . LYS A 22 ? 0.4858 0.4009 0.4973 0.0209  -0.0091 -0.0149 22 LYS A CD  
189 C CE  . LYS A 22 ? 0.5156 0.4246 0.5360 0.0160  -0.0128 -0.0025 22 LYS A CE  
190 N NZ  . LYS A 22 ? 0.4744 0.3721 0.5160 0.0194  -0.0157 0.0026  22 LYS A NZ  
191 N N   . LYS A 23 ? 0.2505 0.2272 0.2438 0.0339  0.0100  -0.0237 23 LYS A N   
192 C CA  . LYS A 23 ? 0.2616 0.2573 0.2523 0.0383  0.0167  -0.0306 23 LYS A CA  
193 C C   . LYS A 23 ? 0.3007 0.3115 0.3035 0.0418  0.0197  -0.0233 23 LYS A C   
194 O O   . LYS A 23 ? 0.3108 0.3345 0.3215 0.0501  0.0254  -0.0307 23 LYS A O   
195 C CB  . LYS A 23 ? 0.2978 0.3052 0.2713 0.0312  0.0180  -0.0293 23 LYS A CB  
196 C CG  . LYS A 23 ? 0.3827 0.3801 0.3449 0.0299  0.0153  -0.0397 23 LYS A CG  
197 C CD  . LYS A 23 ? 0.5494 0.5589 0.4947 0.0228  0.0151  -0.0360 23 LYS A CD  
198 C CE  . LYS A 23 ? 0.6896 0.6883 0.6322 0.0143  0.0086  -0.0245 23 LYS A CE  
199 N NZ  . LYS A 23 ? 0.8023 0.8101 0.7314 0.0082  0.0067  -0.0208 23 LYS A NZ  
200 N N   . LEU A 24 ? 0.2762 0.2864 0.2822 0.0364  0.0155  -0.0102 24 LEU A N   
201 C CA  . LEU A 24 ? 0.2991 0.3236 0.3181 0.0386  0.0163  -0.0026 24 LEU A CA  
202 C C   . LEU A 24 ? 0.3778 0.3984 0.4139 0.0484  0.0162  -0.0048 24 LEU A C   
203 O O   . LEU A 24 ? 0.3692 0.4061 0.4187 0.0539  0.0193  -0.0033 24 LEU A O   
204 C CB  . LEU A 24 ? 0.2965 0.3193 0.3140 0.0307  0.0097  0.0086  24 LEU A CB  
205 C CG  . LEU A 24 ? 0.3380 0.3684 0.3474 0.0217  0.0088  0.0131  24 LEU A CG  
206 C CD1 . LEU A 24 ? 0.3364 0.3622 0.3466 0.0157  0.0008  0.0201  24 LEU A CD1 
207 C CD2 . LEU A 24 ? 0.3397 0.3938 0.3561 0.0214  0.0143  0.0165  24 LEU A CD2 
208 N N   . ARG A 25 ? 0.3516 0.3518 0.3902 0.0505  0.0123  -0.0071 25 ARG A N   
209 C CA  . ARG A 25 ? 0.3647 0.3573 0.4229 0.0598  0.0103  -0.0073 25 ARG A CA  
210 C C   . ARG A 25 ? 0.4230 0.4152 0.4898 0.0698  0.0151  -0.0237 25 ARG A C   
211 O O   . ARG A 25 ? 0.4491 0.4444 0.5357 0.0800  0.0157  -0.0258 25 ARG A O   
212 C CB  . ARG A 25 ? 0.3599 0.3320 0.4201 0.0565  0.0035  -0.0002 25 ARG A CB  
213 C CG  . ARG A 25 ? 0.3274 0.3048 0.3833 0.0504  -0.0012 0.0151  25 ARG A CG  
214 C CD  . ARG A 25 ? 0.3151 0.2791 0.3776 0.0493  -0.0069 0.0251  25 ARG A CD  
215 N NE  . ARG A 25 ? 0.3149 0.2880 0.3686 0.0435  -0.0108 0.0377  25 ARG A NE  
216 C CZ  . ARG A 25 ? 0.3329 0.3179 0.3940 0.0458  -0.0146 0.0486  25 ARG A CZ  
217 N NH1 . ARG A 25 ? 0.3724 0.3606 0.4522 0.0540  -0.0150 0.0503  25 ARG A NH1 
218 N NH2 . ARG A 25 ? 0.3146 0.3098 0.3647 0.0406  -0.0185 0.0568  25 ARG A NH2 
225 N N   . ASN B 2  ? 0.2576 0.4337 0.4878 0.0156  0.0822  0.0409  2  ASN B N   
226 C CA  . ASN B 2  ? 0.2564 0.4338 0.4931 0.0336  0.0833  0.0338  2  ASN B CA  
227 C C   . ASN B 2  ? 0.2839 0.4265 0.4787 0.0391  0.0762  0.0252  2  ASN B C   
228 O O   . ASN B 2  ? 0.2397 0.3639 0.4111 0.0295  0.0628  0.0262  2  ASN B O   
229 C CB  . ASN B 2  ? 0.2196 0.4166 0.4963 0.0363  0.0660  0.0379  2  ASN B CB  
230 C CG  . ASN B 2  ? 0.2568 0.4931 0.5839 0.0316  0.0721  0.0450  2  ASN B CG  
231 O OD1 . ASN B 2  ? 0.2281 0.4802 0.5655 0.0318  0.0952  0.0469  2  ASN B OD1 
232 N ND2 . ASN B 2  ? 0.2673 0.5233 0.6270 0.0267  0.0518  0.0494  2  ASN B ND2 
233 N N   . ALA B 3  ? 0.2776 0.4118 0.4669 0.0545  0.0850  0.0157  3  ALA B N   
234 C CA  . ALA B 3  ? 0.2861 0.3879 0.4421 0.0590  0.0790  0.0061  3  ALA B CA  
235 C C   . ALA B 3  ? 0.2937 0.3809 0.4470 0.0543  0.0570  0.0118  3  ALA B C   
236 O O   . ALA B 3  ? 0.2846 0.3500 0.4070 0.0478  0.0503  0.0092  3  ALA B O   
237 C CB  . ALA B 3  ? 0.3153 0.4114 0.4782 0.0765  0.0902  -0.0066 3  ALA B CB  
238 N N   . ASP B 4  ? 0.2514 0.3543 0.4364 0.0572  0.0456  0.0206  4  ASP B N   
239 C CA  . ASP B 4  ? 0.2530 0.3450 0.4295 0.0532  0.0257  0.0276  4  ASP B CA  
240 C C   . ASP B 4  ? 0.2590 0.3505 0.4154 0.0369  0.0158  0.0298  4  ASP B C   
241 O O   . ASP B 4  ? 0.2433 0.3163 0.3739 0.0328  0.0073  0.0297  4  ASP B O   
242 C CB  . ASP B 4  ? 0.2742 0.3821 0.4840 0.0627  0.0141  0.0379  4  ASP B CB  
243 C CG  . ASP B 4  ? 0.3744 0.5192 0.6211 0.0606  0.0105  0.0436  4  ASP B CG  
244 O OD1 . ASP B 4  ? 0.3461 0.5040 0.5969 0.0511  0.0201  0.0400  4  ASP B OD1 
245 O OD2 . ASP B 4  ? 0.4614 0.6230 0.7374 0.0694  -0.0011 0.0527  4  ASP B OD2 
246 N N   . GLU B 5  ? 0.2186 0.3292 0.3888 0.0276  0.0182  0.0311  5  GLU B N   
247 C CA  . GLU B 5  ? 0.2164 0.3239 0.3732 0.0126  0.0097  0.0305  5  GLU B CA  
248 C C   . GLU B 5  ? 0.2091 0.2914 0.3309 0.0092  0.0172  0.0257  5  GLU B C   
249 O O   . GLU B 5  ? 0.1869 0.2543 0.2867 0.0033  0.0085  0.0232  5  GLU B O   
250 C CB  . GLU B 5  ? 0.2333 0.3630 0.4192 0.0031  0.0142  0.0333  5  GLU B CB  
251 N N   . LEU B 6  ? 0.1946 0.2742 0.3107 0.0140  0.0335  0.0237  6  LEU B N   
252 C CA  . LEU B 6  ? 0.2022 0.2621 0.2858 0.0122  0.0391  0.0199  6  LEU B CA  
253 C C   . LEU B 6  ? 0.2106 0.2500 0.2731 0.0166  0.0309  0.0140  6  LEU B C   
254 O O   . LEU B 6  ? 0.1956 0.2212 0.2371 0.0112  0.0256  0.0124  6  LEU B O   
255 C CB  . LEU B 6  ? 0.2464 0.3128 0.3265 0.0185  0.0575  0.0182  6  LEU B CB  
256 C CG  . LEU B 6  ? 0.3445 0.3942 0.3895 0.0213  0.0626  0.0118  6  LEU B CG  
257 C CD1 . LEU B 6  ? 0.3680 0.4099 0.3940 0.0116  0.0607  0.0188  6  LEU B CD1 
258 C CD2 . LEU B 6  ? 0.4270 0.4866 0.4699 0.0311  0.0797  0.0062  6  LEU B CD2 
259 N N   . TYR B 7  ? 0.1913 0.2290 0.2637 0.0261  0.0305  0.0119  7  TYR B N   
260 C CA  . TYR B 7  ? 0.1901 0.2085 0.2499 0.0289  0.0239  0.0087  7  TYR B CA  
261 C C   . TYR B 7  ? 0.1870 0.2028 0.2390 0.0212  0.0108  0.0147  7  TYR B C   
262 O O   . TYR B 7  ? 0.1885 0.1909 0.2218 0.0172  0.0080  0.0119  7  TYR B O   
263 C CB  . TYR B 7  ? 0.2225 0.2398 0.3035 0.0404  0.0249  0.0093  7  TYR B CB  
264 C CG  . TYR B 7  ? 0.2213 0.2154 0.2950 0.0427  0.0204  0.0069  7  TYR B CG  
265 C CD1 . TYR B 7  ? 0.2280 0.2176 0.3005 0.0387  0.0092  0.0179  7  TYR B CD1 
266 C CD2 . TYR B 7  ? 0.2416 0.2191 0.3102 0.0482  0.0278  -0.0065 7  TYR B CD2 
267 C CE1 . TYR B 7  ? 0.2417 0.2105 0.3124 0.0391  0.0068  0.0187  7  TYR B CE1 
268 C CE2 . TYR B 7  ? 0.2522 0.2071 0.3206 0.0483  0.0230  -0.0090 7  TYR B CE2 
269 C CZ  . TYR B 7  ? 0.2591 0.2096 0.3308 0.0431  0.0132  0.0053  7  TYR B CZ  
270 O OH  . TYR B 7  ? 0.2797 0.2083 0.3569 0.0420  0.0104  0.0057  7  TYR B OH  
271 N N   . LYS B 8  ? 0.1725 0.2045 0.2395 0.0192  0.0028  0.0216  8  LYS B N   
272 C CA  . LYS B 8  ? 0.1807 0.2137 0.2364 0.0130  -0.0092 0.0249  8  LYS B CA  
273 C C   . LYS B 8  ? 0.1687 0.1951 0.2067 0.0041  -0.0087 0.0184  8  LYS B C   
274 O O   . LYS B 8  ? 0.1672 0.1858 0.1882 0.0014  -0.0127 0.0169  8  LYS B O   
275 C CB  . LYS B 8  ? 0.2139 0.2691 0.2878 0.0121  -0.0195 0.0302  8  LYS B CB  
276 C CG  . LYS B 8  ? 0.4043 0.4650 0.4628 0.0060  -0.0324 0.0305  8  LYS B CG  
277 C CD  . LYS B 8  ? 0.5866 0.6697 0.6612 0.0002  -0.0435 0.0281  8  LYS B CD  
278 C CE  . LYS B 8  ? 0.7326 0.8142 0.8147 -0.0096 -0.0391 0.0187  8  LYS B CE  
279 N NZ  . LYS B 8  ? 0.8307 0.8953 0.8882 -0.0155 -0.0387 0.0098  8  LYS B NZ  
280 N N   . GLU B 9  ? 0.1612 0.1905 0.2051 0.0004  -0.0028 0.0160  9  GLU B N   
281 C CA  . GLU B 9  ? 0.1692 0.1890 0.2004 -0.0064 -0.0026 0.0120  9  GLU B CA  
282 C C   . GLU B 9  ? 0.1814 0.1853 0.1922 -0.0034 0.0014  0.0092  9  GLU B C   
283 O O   . GLU B 9  ? 0.1772 0.1736 0.1768 -0.0061 -0.0024 0.0060  9  GLU B O   
284 C CB  . GLU B 9  ? 0.1897 0.2146 0.2339 -0.0110 0.0042  0.0146  9  GLU B CB  
285 C CG  . GLU B 9  ? 0.2988 0.3111 0.3345 -0.0170 0.0041  0.0136  9  GLU B CG  
286 C CD  . GLU B 9  ? 0.3835 0.3943 0.4262 -0.0244 -0.0060 0.0078  9  GLU B CD  
287 O OE1 . GLU B 9  ? 0.3535 0.3739 0.3985 -0.0248 -0.0152 0.0030  9  GLU B OE1 
288 O OE2 . GLU B 9  ? 0.3733 0.3720 0.4167 -0.0289 -0.0051 0.0075  9  GLU B OE2 
289 N N   . LEU B 10 ? 0.1773 0.1777 0.1852 0.0024  0.0085  0.0084  10 LEU B N   
290 C CA  . LEU B 10 ? 0.1840 0.1719 0.1749 0.0042  0.0095  0.0035  10 LEU B CA  
291 C C   . LEU B 10 ? 0.1750 0.1571 0.1634 0.0034  0.0032  0.0026  10 LEU B C   
292 O O   . LEU B 10 ? 0.1855 0.1621 0.1644 0.0011  0.0007  -0.0003 10 LEU B O   
293 C CB  . LEU B 10 ? 0.2117 0.1972 0.1998 0.0108  0.0170  -0.0015 10 LEU B CB  
294 C CG  . LEU B 10 ? 0.2566 0.2506 0.2424 0.0127  0.0274  -0.0002 10 LEU B CG  
295 C CD1 . LEU B 10 ? 0.2915 0.2832 0.2691 0.0207  0.0352  -0.0098 10 LEU B CD1 
296 C CD2 . LEU B 10 ? 0.2913 0.2839 0.2638 0.0075  0.0273  0.0052  10 LEU B CD2 
297 N N   . GLU B 11 ? 0.1642 0.1495 0.1628 0.0054  0.0007  0.0070  11 GLU B N   
298 C CA  . GLU B 11 ? 0.1733 0.1543 0.1694 0.0039  -0.0032 0.0103  11 GLU B CA  
299 C C   . GLU B 11 ? 0.1743 0.1619 0.1614 -0.0011 -0.0071 0.0106  11 GLU B C   
300 O O   . GLU B 11 ? 0.1683 0.1537 0.1497 -0.0034 -0.0069 0.0103  11 GLU B O   
301 C CB  . GLU B 11 ? 0.1869 0.1693 0.1951 0.0082  -0.0052 0.0191  11 GLU B CB  
302 C CG  . GLU B 11 ? 0.2100 0.1858 0.2167 0.0060  -0.0067 0.0264  11 GLU B CG  
303 C CD  . GLU B 11 ? 0.2346 0.2052 0.2563 0.0115  -0.0078 0.0377  11 GLU B CD  
304 O OE1 . GLU B 11 ? 0.2232 0.1981 0.2577 0.0185  -0.0086 0.0392  11 GLU B OE1 
305 O OE2 . GLU B 11 ? 0.2778 0.2399 0.3016 0.0090  -0.0074 0.0462  11 GLU B OE2 
306 N N   . ASP B 12 ? 0.1674 0.1642 0.1558 -0.0029 -0.0103 0.0097  12 ASP B N   
307 C CA  . ASP B 12 ? 0.1604 0.1616 0.1401 -0.0067 -0.0137 0.0052  12 ASP B CA  
308 C C   . ASP B 12 ? 0.1689 0.1611 0.1441 -0.0076 -0.0107 -0.0012 12 ASP B C   
309 O O   . ASP B 12 ? 0.1663 0.1595 0.1354 -0.0079 -0.0102 -0.0047 12 ASP B O   
310 C CB  . ASP B 12 ? 0.1828 0.1935 0.1689 -0.0096 -0.0195 0.0022  12 ASP B CB  
311 C CG  . ASP B 12 ? 0.2145 0.2282 0.1907 -0.0127 -0.0239 -0.0068 12 ASP B CG  
312 O OD1 . ASP B 12 ? 0.2543 0.2770 0.2181 -0.0117 -0.0266 -0.0056 12 ASP B OD1 
313 O OD2 . ASP B 12 ? 0.2251 0.2309 0.2049 -0.0152 -0.0231 -0.0147 12 ASP B OD2 
314 N N   . LEU B 13 ? 0.1644 0.1499 0.1427 -0.0069 -0.0079 -0.0013 13 LEU B N   
315 C CA  . LEU B 13 ? 0.1655 0.1437 0.1396 -0.0063 -0.0072 -0.0041 13 LEU B CA  
316 C C   . LEU B 13 ? 0.1743 0.1516 0.1450 -0.0047 -0.0071 -0.0053 13 LEU B C   
317 O O   . LEU B 13 ? 0.1684 0.1463 0.1396 -0.0041 -0.0082 -0.0083 13 LEU B O   
318 C CB  . LEU B 13 ? 0.1745 0.1482 0.1479 -0.0054 -0.0040 -0.0004 13 LEU B CB  
319 C CG  . LEU B 13 ? 0.1925 0.1674 0.1756 -0.0091 -0.0027 0.0028  13 LEU B CG  
320 C CD1 . LEU B 13 ? 0.2247 0.1982 0.2055 -0.0084 0.0039  0.0103  13 LEU B CD1 
321 C CD2 . LEU B 13 ? 0.2210 0.1896 0.2094 -0.0118 -0.0068 -0.0013 13 LEU B CD2 
322 N N   . GLN B 14 ? 0.1668 0.1429 0.1386 -0.0042 -0.0059 -0.0036 14 GLN B N   
323 C CA  . GLN B 14 ? 0.1691 0.1435 0.1434 -0.0051 -0.0067 -0.0053 14 GLN B CA  
324 C C   . GLN B 14 ? 0.1769 0.1587 0.1550 -0.0077 -0.0055 -0.0027 14 GLN B C   
325 O O   . GLN B 14 ? 0.1816 0.1673 0.1649 -0.0090 -0.0056 -0.0050 14 GLN B O   
326 C CB  . GLN B 14 ? 0.1821 0.1497 0.1609 -0.0041 -0.0053 -0.0051 14 GLN B CB  
327 C CG  . GLN B 14 ? 0.2102 0.1724 0.1968 -0.0071 -0.0070 -0.0084 14 GLN B CG  
328 C CD  . GLN B 14 ? 0.2388 0.1901 0.2339 -0.0057 -0.0057 -0.0089 14 GLN B CD  
329 O OE1 . GLN B 14 ? 0.2774 0.2266 0.2713 -0.0005 -0.0031 -0.0089 14 GLN B OE1 
330 N NE2 . GLN B 14 ? 0.2521 0.1964 0.2599 -0.0101 -0.0071 -0.0098 14 GLN B NE2 
331 N N   . GLU B 15 ? 0.1710 0.1580 0.1461 -0.0080 -0.0045 0.0023  15 GLU B N   
332 C CA  . GLU B 15 ? 0.1793 0.1764 0.1514 -0.0097 -0.0017 0.0056  15 GLU B CA  
333 C C   . GLU B 15 ? 0.1742 0.1773 0.1431 -0.0083 -0.0006 -0.0032 15 GLU B C   
334 O O   . GLU B 15 ? 0.1819 0.1943 0.1535 -0.0088 0.0043  -0.0039 15 GLU B O   
335 C CB  . GLU B 15 ? 0.2225 0.2259 0.1868 -0.0091 -0.0033 0.0128  15 GLU B CB  
336 C CG  . GLU B 15 ? 0.3561 0.3728 0.3105 -0.0103 0.0006  0.0186  15 GLU B CG  
337 C CD  . GLU B 15 ? 0.5997 0.6152 0.5621 -0.0132 0.0058  0.0323  15 GLU B CD  
338 O OE1 . GLU B 15 ? 0.6801 0.6923 0.6438 -0.0126 0.0037  0.0456  15 GLU B OE1 
339 O OE2 . GLU B 15 ? 0.4694 0.4865 0.4415 -0.0164 0.0112  0.0304  15 GLU B OE2 
340 N N   . ARG B 16 ? 0.1638 0.1613 0.1311 -0.0066 -0.0040 -0.0097 16 ARG B N   
341 C CA  . ARG B 16 ? 0.1739 0.1722 0.1428 -0.0039 -0.0033 -0.0190 16 ARG B CA  
342 C C   . ARG B 16 ? 0.1595 0.1578 0.1388 -0.0014 -0.0027 -0.0196 16 ARG B C   
343 O O   . ARG B 16 ? 0.1810 0.1870 0.1662 0.0017  0.0007  -0.0250 16 ARG B O   
344 C CB  . ARG B 16 ? 0.1840 0.1728 0.1543 -0.0039 -0.0075 -0.0235 16 ARG B CB  
345 C CG  . ARG B 16 ? 0.1819 0.1762 0.1457 -0.0068 -0.0104 -0.0265 16 ARG B CG  
346 C CD  . ARG B 16 ? 0.1968 0.1827 0.1688 -0.0098 -0.0149 -0.0299 16 ARG B CD  
347 N NE  . ARG B 16 ? 0.1974 0.1923 0.1655 -0.0133 -0.0205 -0.0357 16 ARG B NE  
348 C CZ  . ARG B 16 ? 0.2028 0.2019 0.1631 -0.0131 -0.0228 -0.0495 16 ARG B CZ  
349 N NH1 . ARG B 16 ? 0.2277 0.2202 0.1887 -0.0088 -0.0184 -0.0593 16 ARG B NH1 
350 N NH2 . ARG B 16 ? 0.2328 0.2436 0.1857 -0.0161 -0.0303 -0.0551 16 ARG B NH2 
351 N N   . LEU B 17 ? 0.1604 0.1528 0.1424 -0.0021 -0.0061 -0.0153 17 LEU B N   
352 C CA  . LEU B 17 ? 0.1561 0.1517 0.1478 -0.0001 -0.0090 -0.0162 17 LEU B CA  
353 C C   . LEU B 17 ? 0.1659 0.1745 0.1687 -0.0034 -0.0050 -0.0156 17 LEU B C   
354 O O   . LEU B 17 ? 0.1612 0.1807 0.1781 -0.0011 -0.0045 -0.0183 17 LEU B O   
355 C CB  . LEU B 17 ? 0.1648 0.1531 0.1513 -0.0005 -0.0147 -0.0141 17 LEU B CB  
356 C CG  . LEU B 17 ? 0.1829 0.1620 0.1610 0.0030  -0.0170 -0.0113 17 LEU B CG  
357 C CD1 . LEU B 17 ? 0.2184 0.1933 0.1847 0.0026  -0.0186 -0.0094 17 LEU B CD1 
358 C CD2 . LEU B 17 ? 0.2201 0.2002 0.2057 0.0088  -0.0218 -0.0105 17 LEU B CD2 
359 N N   . ARG B 18 ? 0.1655 0.1740 0.1658 -0.0087 -0.0014 -0.0102 18 ARG B N   
360 C CA  . ARG B 18 ? 0.1747 0.1952 0.1883 -0.0135 0.0043  -0.0057 18 ARG B CA  
361 C C   . ARG B 18 ? 0.1772 0.2140 0.1909 -0.0105 0.0131  -0.0076 18 ARG B C   
362 O O   . ARG B 18 ? 0.1758 0.2280 0.2067 -0.0115 0.0183  -0.0078 18 ARG B O   
363 C CB  . ARG B 18 ? 0.1802 0.1940 0.1899 -0.0183 0.0067  0.0040  18 ARG B CB  
364 C CG  . ARG B 18 ? 0.2265 0.2496 0.2519 -0.0253 0.0139  0.0134  18 ARG B CG  
365 C CD  . ARG B 18 ? 0.2527 0.2651 0.2762 -0.0289 0.0156  0.0267  18 ARG B CD  
366 N NE  . ARG B 18 ? 0.3296 0.3220 0.3581 -0.0288 0.0079  0.0227  18 ARG B NE  
367 C CZ  . ARG B 18 ? 0.4823 0.4641 0.4986 -0.0232 0.0043  0.0217  18 ARG B CZ  
368 N NH1 . ARG B 18 ? 0.3920 0.3808 0.3918 -0.0189 0.0050  0.0251  18 ARG B NH1 
369 N NH2 . ARG B 18 ? 0.4187 0.3848 0.4407 -0.0222 -0.0002 0.0156  18 ARG B NH2 
370 N N   . LYS B 19 ? 0.1738 0.2089 0.1697 -0.0069 0.0148  -0.0110 19 LYS B N   
371 C CA  . LYS B 19 ? 0.1825 0.2319 0.1730 -0.0029 0.0231  -0.0174 19 LYS B CA  
372 C C   . LYS B 19 ? 0.1780 0.2307 0.1837 0.0044  0.0234  -0.0286 19 LYS B C   
373 O O   . LYS B 19 ? 0.1912 0.2614 0.2062 0.0079  0.0329  -0.0332 19 LYS B O   
374 C CB  . LYS B 19 ? 0.2237 0.2697 0.1909 -0.0018 0.0216  -0.0212 19 LYS B CB  
375 C CG  . LYS B 19 ? 0.2465 0.2974 0.2000 -0.0066 0.0230  -0.0074 19 LYS B CG  
376 C CD  . LYS B 19 ? 0.3137 0.3657 0.2452 -0.0052 0.0179  -0.0118 19 LYS B CD  
377 C CE  . LYS B 19 ? 0.3190 0.3763 0.2385 -0.0081 0.0167  0.0050  19 LYS B CE  
378 N NZ  . LYS B 19 ? 0.3474 0.4119 0.2454 -0.0065 0.0092  -0.0001 19 LYS B NZ  
379 N N   . LEU B 20 ? 0.1829 0.2202 0.1937 0.0073  0.0136  -0.0313 20 LEU B N   
380 C CA  . LEU B 20 ? 0.1955 0.2341 0.2240 0.0156  0.0116  -0.0381 20 LEU B CA  
381 C C   . LEU B 20 ? 0.1673 0.2233 0.2196 0.0153  0.0119  -0.0342 20 LEU B C   
382 O O   . LEU B 20 ? 0.1833 0.2537 0.2557 0.0225  0.0162  -0.0396 20 LEU B O   
383 C CB  . LEU B 20 ? 0.2183 0.2368 0.2449 0.0182  0.0008  -0.0360 20 LEU B CB  
384 C CG  . LEU B 20 ? 0.2792 0.2812 0.2949 0.0192  -0.0002 -0.0414 20 LEU B CG  
385 C CD1 . LEU B 20 ? 0.2992 0.2833 0.3132 0.0188  -0.0085 -0.0335 20 LEU B CD1 
386 C CD2 . LEU B 20 ? 0.3036 0.3058 0.3289 0.0274  0.0046  -0.0552 20 LEU B CD2 
387 N N   . ARG B 21 ? 0.1674 0.2229 0.2210 0.0071  0.0071  -0.0262 21 ARG B N   
388 C CA  . ARG B 21 ? 0.1622 0.2349 0.2418 0.0036  0.0054  -0.0238 21 ARG B CA  
389 C C   . ARG B 21 ? 0.1764 0.2720 0.2702 0.0009  0.0204  -0.0222 21 ARG B C   
390 O O   . ARG B 21 ? 0.1757 0.2924 0.2982 0.0032  0.0226  -0.0240 21 ARG B O   
391 C CB  . ARG B 21 ? 0.1792 0.2430 0.2569 -0.0057 -0.0029 -0.0192 21 ARG B CB  
392 C CG  . ARG B 21 ? 0.1949 0.2440 0.2610 -0.0024 -0.0170 -0.0214 21 ARG B CG  
393 C CD  . ARG B 21 ? 0.2135 0.2512 0.2713 -0.0101 -0.0226 -0.0211 21 ARG B CD  
394 N NE  . ARG B 21 ? 0.2553 0.3056 0.3386 -0.0181 -0.0265 -0.0231 21 ARG B NE  
395 C CZ  . ARG B 21 ? 0.2610 0.3068 0.3531 -0.0282 -0.0231 -0.0212 21 ARG B CZ  
396 N NH1 . ARG B 21 ? 0.2475 0.2761 0.3224 -0.0296 -0.0171 -0.0166 21 ARG B NH1 
397 N NH2 . ARG B 21 ? 0.2597 0.3172 0.3810 -0.0369 -0.0276 -0.0235 21 ARG B NH2 
398 N N   . LYS B 22 ? 0.1761 0.2707 0.2503 -0.0032 0.0310  -0.0177 22 LYS B N   
399 C CA  . LYS B 22 ? 0.2000 0.3181 0.2802 -0.0054 0.0479  -0.0134 22 LYS B CA  
400 C C   . LYS B 22 ? 0.2313 0.3653 0.3177 0.0064  0.0568  -0.0260 22 LYS B C   
401 O O   . LYS B 22 ? 0.2320 0.3933 0.3427 0.0073  0.0691  -0.0256 22 LYS B O   
402 C CB  . LYS B 22 ? 0.2469 0.3590 0.2969 -0.0101 0.0541  -0.0045 22 LYS B CB  
403 C CG  . LYS B 22 ? 0.3401 0.4768 0.3882 -0.0131 0.0727  0.0046  22 LYS B CG  
404 C CD  . LYS B 22 ? 0.4213 0.5515 0.4344 -0.0154 0.0748  0.0146  22 LYS B CD  
405 C CE  . LYS B 22 ? 0.5416 0.6975 0.5443 -0.0177 0.0938  0.0266  22 LYS B CE  
406 N NZ  . LYS B 22 ? 0.5799 0.7458 0.6128 -0.0290 0.1024  0.0460  22 LYS B NZ  
407 N N   . LYS B 23 ? 0.2170 0.3341 0.2874 0.0157  0.0508  -0.0380 23 LYS B N   
408 C CA  . LYS B 23 ? 0.2460 0.3716 0.3253 0.0288  0.0578  -0.0534 23 LYS B CA  
409 C C   . LYS B 23 ? 0.2712 0.4085 0.3898 0.0359  0.0535  -0.0549 23 LYS B C   
410 O O   . LYS B 23 ? 0.2697 0.4304 0.4101 0.0443  0.0659  -0.0623 23 LYS B O   
411 C CB  . LYS B 23 ? 0.2895 0.3890 0.3480 0.0348  0.0501  -0.0651 23 LYS B CB  
412 C CG  . LYS B 23 ? 0.3883 0.4845 0.4115 0.0303  0.0545  -0.0683 23 LYS B CG  
413 C CD  . LYS B 23 ? 0.5461 0.6194 0.5562 0.0349  0.0466  -0.0829 23 LYS B CD  
414 C CE  . LYS B 23 ? 0.7393 0.8163 0.7163 0.0319  0.0499  -0.0907 23 LYS B CE  
415 N NZ  . LYS B 23 ? 0.8462 0.9214 0.8047 0.0211  0.0440  -0.0736 23 LYS B NZ  
416 N N   . LEU B 24 ? 0.2422 0.3676 0.3710 0.0328  0.0364  -0.0475 24 LEU B N   
417 C CA  . LEU B 24 ? 0.2441 0.3832 0.4092 0.0391  0.0277  -0.0466 24 LEU B CA  
418 C C   . LEU B 24 ? 0.3025 0.4769 0.4995 0.0338  0.0381  -0.0430 24 LEU B C   
419 O O   . LEU B 24 ? 0.3074 0.5052 0.5389 0.0436  0.0420  -0.0477 24 LEU B O   
420 C CB  . LEU B 24 ? 0.2411 0.3641 0.4022 0.0352  0.0069  -0.0390 24 LEU B CB  
421 C CG  . LEU B 24 ? 0.2966 0.3911 0.4394 0.0431  -0.0039 -0.0392 24 LEU B CG  
422 C CD1 . LEU B 24 ? 0.2957 0.3771 0.4238 0.0370  -0.0200 -0.0307 24 LEU B CD1 
423 C CD2 . LEU B 24 ? 0.3307 0.4291 0.4998 0.0593  -0.0076 -0.0425 24 LEU B CD2 
424 N N   . ARG B 25 ? 0.2706 0.4490 0.4590 0.0188  0.0443  -0.0340 25 ARG B N   
425 C CA  . ARG B 25 ? 0.2873 0.4972 0.5063 0.0097  0.0568  -0.0268 25 ARG B CA  
426 C C   . ARG B 25 ? 0.3704 0.6074 0.5949 0.0168  0.0814  -0.0310 25 ARG B C   
427 O O   . ARG B 25 ? 0.3797 0.6507 0.6436 0.0158  0.0921  -0.0286 25 ARG B O   
428 C CB  . ARG B 25 ? 0.2803 0.4799 0.4848 -0.0072 0.0583  -0.0140 25 ARG B CB  
429 C CG  . ARG B 25 ? 0.3128 0.4928 0.5198 -0.0163 0.0377  -0.0116 25 ARG B CG  
430 C CD  . ARG B 25 ? 0.3338 0.4964 0.5234 -0.0296 0.0409  -0.0007 25 ARG B CD  
431 N NE  . ARG B 25 ? 0.3191 0.5031 0.5376 -0.0420 0.0546  0.0113  25 ARG B NE  
432 C CZ  . ARG B 25 ? 0.5148 0.7007 0.7656 -0.0560 0.0474  0.0155  25 ARG B CZ  
433 N NH1 . ARG B 25 ? 0.3899 0.5579 0.6425 -0.0582 0.0260  0.0063  25 ARG B NH1 
434 N NH2 . ARG B 25 ? 0.3619 0.5673 0.6426 -0.0684 0.0622  0.0288  25 ARG B NH2 
# 
